data_9KVE
#
_entry.id   9KVE
#
_cell.length_a   1.00
_cell.length_b   1.00
_cell.length_c   1.00
_cell.angle_alpha   90.00
_cell.angle_beta   90.00
_cell.angle_gamma   90.00
#
_symmetry.space_group_name_H-M   'P 1'
#
loop_
_entity.id
_entity.type
_entity.pdbx_description
1 polymer 'The heavy chain of 4C1'
2 polymer 'The light chain of 4C1'
3 polymer 'The heavy chain of 4A5'
4 polymer 'The light chain of 4A5'
5 polymer 'Spike protein S1'
6 polymer 'The heavy chain of 4H1'
7 polymer 'The light chain of 4H1'
#
loop_
_entity_poly.entity_id
_entity_poly.type
_entity_poly.pdbx_seq_one_letter_code
_entity_poly.pdbx_strand_id
1 'polypeptide(L)'
;EVQLVESGGGLAKPGGSLRLSCAASGFTFSSYWMNWVRQAPGKGLEWVSVINSGGDNAYYADSVKGRFTTSRDNSKSTLS
LQMNSLREEDTAVYYCAKDRNLYYYDSGYYTEFSFDYWGQGVLVTVSS
;
A
2 'polypeptide(L)'
;QSVLTQPPSVSGDPGQSVTISCTGSSSNIGGYYVNWYQQFPGTAPKLLIYDDNNRPSGVSDRFSGSKSGTSASLTITGLQ
PGDEADYHCSGWDSSLSAVLFGRGTRLTVL
;
B
3 'polypeptide(L)'
;EVQLVESGGGLVKPGGSLRLSCVASGFTFSDYEMHWVRQAPGKGLEWVSVISESGGTTYYADSVKGRFTISRDNAKNSLF
LQMNSLRAEDTAVYYCTRVVIVVFTAMRHFDYWGQGVLVTVSS
;
E
4 'polypeptide(L)'
;DIQMTQSPSSLSAPVGDTVTITCRASQGINSYLNWFQQKPGKAPKLLIYDASTLESGVPSRFSGSGSGTDFTLTISSLQP
EDFATYYCLQYNNYPFTFGPGTRLDIK
;
G
5 'polypeptide(L)'
;NLCPFGEVFNATRFASVYAWNRKRISNCVADYSVLYNSASFSTFKCYGVSPTKLNDLCFTNVYADSFVIRGDEVRQIAPG
QTGKIADYNYKLPDDFTGCVIAWNSNNLDSKVGGNYNYLYRLFRKSNLKPFERDISTEIYQAGSTPCNGVEGFNCYFPLQ
SYGFQPTNGVGYQPYRVVVLSFELLHAPATVCGP
;
C
6 'polypeptide(L)'
;QVQLQESGPGLVKPSETLSLSCAVSGASISSYWWNWFRQSPGKGLEWIGKINGNSGITYYNPSLKSRLTISKDASKKQLS
LTLTSVTAADTAVYFCATRDGNIVGVADYWGQGVLVTVSS
;
D
7 'polypeptide(L)'
;DVVMTQTPLSLPVTPGEPASISCRSSQSLFDGGHPYTSLDWYLQKPGQSPQLLIYMVSNRASGVPDRFSGSASGTDFTLK
ISRVEAEDVGVYFCMQSVEYPYSFGQGTTVDFK
;
F
#
# COMPACT_ATOMS: atom_id res chain seq x y z
N GLU A 1 15.70 -17.49 41.30
CA GLU A 1 16.06 -17.60 39.90
C GLU A 1 14.86 -17.97 39.04
N VAL A 2 15.10 -18.25 37.77
CA VAL A 2 14.06 -18.59 36.81
C VAL A 2 14.27 -20.03 36.36
N GLN A 3 13.23 -20.85 36.52
CA GLN A 3 13.32 -22.29 36.26
C GLN A 3 12.37 -22.67 35.13
N LEU A 4 12.92 -23.34 34.12
CA LEU A 4 12.18 -23.88 33.00
C LEU A 4 12.44 -25.39 32.96
N VAL A 5 11.40 -26.19 33.18
CA VAL A 5 11.53 -27.64 33.21
C VAL A 5 10.62 -28.25 32.15
N GLU A 6 11.21 -29.01 31.23
CA GLU A 6 10.48 -29.63 30.12
C GLU A 6 10.15 -31.08 30.44
N SER A 7 9.06 -31.58 29.86
CA SER A 7 8.67 -32.98 29.97
C SER A 7 7.87 -33.38 28.73
N GLY A 8 7.94 -34.65 28.38
CA GLY A 8 7.10 -35.20 27.35
C GLY A 8 7.78 -35.73 26.11
N GLY A 9 9.08 -35.94 26.14
CA GLY A 9 9.75 -36.50 25.00
C GLY A 9 9.77 -38.01 25.01
N GLY A 10 10.03 -38.59 23.84
CA GLY A 10 10.11 -40.03 23.74
C GLY A 10 10.27 -40.46 22.30
N LEU A 11 9.82 -41.68 22.02
CA LEU A 11 9.83 -42.26 20.69
C LEU A 11 8.47 -42.11 20.05
N ALA A 12 8.45 -41.89 18.74
CA ALA A 12 7.22 -41.83 17.97
C ALA A 12 7.49 -42.26 16.54
N LYS A 13 6.62 -43.13 16.01
CA LYS A 13 6.74 -43.51 14.63
C LYS A 13 6.37 -42.33 13.73
N PRO A 14 6.89 -42.28 12.50
CA PRO A 14 6.54 -41.18 11.61
C PRO A 14 5.03 -41.09 11.41
N GLY A 15 4.47 -39.97 11.87
CA GLY A 15 3.04 -39.79 11.89
C GLY A 15 2.41 -39.78 13.27
N GLY A 16 3.21 -39.97 14.32
CA GLY A 16 2.69 -39.95 15.67
C GLY A 16 2.59 -38.55 16.24
N SER A 17 1.97 -38.46 17.41
CA SER A 17 1.73 -37.18 18.06
C SER A 17 2.31 -37.20 19.47
N LEU A 18 2.87 -36.06 19.88
CA LEU A 18 3.42 -35.89 21.21
C LEU A 18 2.94 -34.57 21.78
N ARG A 19 3.09 -34.39 23.08
CA ARG A 19 2.73 -33.14 23.74
C ARG A 19 3.75 -32.81 24.81
N LEU A 20 4.60 -31.83 24.53
CA LEU A 20 5.61 -31.38 25.47
C LEU A 20 5.00 -30.33 26.38
N SER A 21 5.41 -30.34 27.65
CA SER A 21 4.93 -29.40 28.65
C SER A 21 6.12 -28.79 29.37
N CYS A 22 6.13 -27.46 29.48
CA CYS A 22 7.22 -26.70 30.07
C CYS A 22 6.69 -25.95 31.29
N ALA A 23 7.06 -26.42 32.47
CA ALA A 23 6.70 -25.78 33.72
C ALA A 23 7.70 -24.66 33.98
N ALA A 24 7.18 -23.45 34.16
CA ALA A 24 8.00 -22.25 34.28
C ALA A 24 7.66 -21.54 35.57
N SER A 25 8.68 -21.31 36.40
CA SER A 25 8.47 -20.64 37.67
C SER A 25 9.64 -19.71 37.96
N GLY A 26 9.45 -18.86 38.97
CA GLY A 26 10.43 -17.85 39.31
C GLY A 26 10.13 -16.48 38.76
N PHE A 27 9.20 -16.37 37.81
CA PHE A 27 8.80 -15.11 37.23
C PHE A 27 7.30 -15.14 36.96
N THR A 28 6.70 -13.96 36.89
CA THR A 28 5.30 -13.88 36.50
C THR A 28 5.12 -14.46 35.11
N PHE A 29 4.50 -15.63 35.03
CA PHE A 29 4.44 -16.34 33.76
C PHE A 29 3.52 -15.65 32.76
N SER A 30 2.39 -15.12 33.25
CA SER A 30 1.39 -14.55 32.36
C SER A 30 1.95 -13.43 31.52
N SER A 31 3.03 -12.78 31.98
CA SER A 31 3.37 -11.46 31.47
C SER A 31 4.26 -11.54 30.23
N TYR A 32 4.93 -12.68 30.01
CA TYR A 32 5.97 -12.77 28.98
C TYR A 32 5.53 -13.68 27.83
N TRP A 33 5.86 -13.26 26.60
CA TRP A 33 5.72 -14.13 25.46
C TRP A 33 6.71 -15.30 25.58
N MET A 34 6.27 -16.50 25.23
CA MET A 34 7.10 -17.67 25.44
C MET A 34 7.36 -18.37 24.11
N ASN A 35 8.58 -18.89 23.97
CA ASN A 35 9.05 -19.45 22.72
C ASN A 35 9.25 -20.95 22.84
N TRP A 36 9.40 -21.59 21.69
CA TRP A 36 9.88 -22.96 21.57
C TRP A 36 10.96 -22.96 20.51
N VAL A 37 12.16 -23.39 20.89
CA VAL A 37 13.31 -23.49 20.00
C VAL A 37 13.70 -24.96 19.95
N ARG A 38 14.42 -25.36 18.90
CA ARG A 38 14.80 -26.75 18.76
C ARG A 38 16.19 -26.85 18.13
N GLN A 39 16.88 -27.94 18.45
CA GLN A 39 18.23 -28.18 17.98
C GLN A 39 18.35 -29.60 17.46
N ALA A 40 18.74 -29.73 16.19
CA ALA A 40 19.03 -31.03 15.61
C ALA A 40 20.30 -31.59 16.24
N PRO A 41 20.55 -32.90 16.12
CA PRO A 41 21.77 -33.48 16.69
C PRO A 41 23.00 -33.00 15.95
N GLY A 42 23.72 -32.07 16.57
CA GLY A 42 24.96 -31.55 16.02
C GLY A 42 24.82 -30.59 14.87
N LYS A 43 23.63 -30.05 14.62
CA LYS A 43 23.38 -29.18 13.47
C LYS A 43 22.67 -27.90 13.94
N GLY A 44 23.47 -26.91 14.36
CA GLY A 44 23.00 -25.56 14.65
C GLY A 44 21.80 -25.50 15.59
N LEU A 45 21.09 -24.39 15.51
CA LEU A 45 19.84 -24.19 16.22
C LEU A 45 18.77 -23.76 15.24
N GLU A 46 17.51 -23.88 15.67
CA GLU A 46 16.38 -23.49 14.83
C GLU A 46 15.20 -23.14 15.72
N TRP A 47 14.55 -22.03 15.39
CA TRP A 47 13.39 -21.52 16.11
C TRP A 47 12.15 -22.24 15.62
N VAL A 48 11.18 -22.45 16.51
CA VAL A 48 9.98 -23.21 16.21
C VAL A 48 8.73 -22.35 16.32
N SER A 49 8.48 -21.76 17.49
CA SER A 49 7.21 -21.04 17.63
C SER A 49 7.27 -20.05 18.78
N VAL A 50 6.24 -19.19 18.83
CA VAL A 50 6.09 -18.19 19.88
C VAL A 50 4.61 -18.01 20.20
N ILE A 51 4.32 -17.72 21.47
CA ILE A 51 2.96 -17.54 21.98
C ILE A 51 2.92 -16.29 22.85
N ASN A 52 1.77 -15.62 22.87
CA ASN A 52 1.62 -14.33 23.51
C ASN A 52 1.58 -14.45 25.02
N SER A 53 1.26 -13.31 25.66
CA SER A 53 1.10 -13.28 27.11
C SER A 53 -0.25 -13.85 27.52
N GLY A 54 -1.21 -13.84 26.61
CA GLY A 54 -2.53 -14.40 26.87
C GLY A 54 -2.84 -15.67 26.13
N GLY A 55 -1.99 -16.06 25.17
CA GLY A 55 -2.18 -17.28 24.42
C GLY A 55 -3.12 -17.18 23.25
N ASP A 56 -3.45 -15.96 22.81
CA ASP A 56 -4.45 -15.79 21.76
C ASP A 56 -3.86 -15.98 20.37
N ASN A 57 -2.68 -15.40 20.12
CA ASN A 57 -2.09 -15.37 18.79
C ASN A 57 -0.72 -16.02 18.83
N ALA A 58 -0.59 -17.17 18.18
CA ALA A 58 0.66 -17.92 18.13
C ALA A 58 1.24 -17.86 16.73
N TYR A 59 2.56 -17.91 16.66
CA TYR A 59 3.25 -17.86 15.38
C TYR A 59 4.23 -19.02 15.29
N TYR A 60 4.32 -19.63 14.11
CA TYR A 60 5.13 -20.83 13.91
C TYR A 60 6.08 -20.63 12.74
N ALA A 61 7.15 -21.40 12.75
CA ALA A 61 8.02 -21.49 11.58
C ALA A 61 7.29 -22.21 10.45
N ASP A 62 7.77 -21.98 9.23
CA ASP A 62 7.13 -22.58 8.07
C ASP A 62 7.41 -24.08 7.99
N SER A 63 8.56 -24.51 8.49
CA SER A 63 8.89 -25.94 8.46
C SER A 63 7.94 -26.74 9.34
N VAL A 64 7.37 -26.11 10.37
CA VAL A 64 6.45 -26.78 11.28
C VAL A 64 5.05 -26.21 11.22
N LYS A 65 4.75 -25.42 10.20
CA LYS A 65 3.45 -24.75 10.13
C LYS A 65 2.35 -25.74 9.75
N GLY A 66 1.21 -25.62 10.44
CA GLY A 66 0.09 -26.51 10.20
C GLY A 66 0.15 -27.83 10.93
N ARG A 67 1.28 -28.18 11.53
CA ARG A 67 1.41 -29.43 12.26
C ARG A 67 1.54 -29.21 13.76
N PHE A 68 2.49 -28.41 14.21
CA PHE A 68 2.67 -28.17 15.64
C PHE A 68 1.68 -27.10 16.10
N THR A 69 1.37 -27.11 17.39
CA THR A 69 0.45 -26.13 17.97
C THR A 69 0.93 -25.76 19.36
N THR A 70 1.20 -24.47 19.57
CA THR A 70 1.69 -23.95 20.84
C THR A 70 0.51 -23.49 21.68
N SER A 71 0.59 -23.70 22.99
CA SER A 71 -0.45 -23.29 23.92
C SER A 71 0.17 -22.94 25.26
N ARG A 72 -0.60 -22.28 26.11
CA ARG A 72 -0.11 -21.96 27.44
C ARG A 72 -1.29 -21.76 28.40
N ASP A 73 -1.12 -22.23 29.63
CA ASP A 73 -2.13 -22.11 30.68
C ASP A 73 -1.54 -21.24 31.78
N ASN A 74 -2.03 -20.01 31.87
CA ASN A 74 -1.50 -19.08 32.86
C ASN A 74 -2.06 -19.36 34.25
N SER A 75 -3.14 -20.16 34.32
CA SER A 75 -3.66 -20.57 35.62
C SER A 75 -2.73 -21.55 36.30
N LYS A 76 -2.31 -22.59 35.59
CA LYS A 76 -1.33 -23.55 36.07
C LYS A 76 0.10 -23.12 35.76
N SER A 77 0.27 -22.02 35.03
CA SER A 77 1.59 -21.48 34.70
C SER A 77 2.46 -22.51 33.97
N THR A 78 1.93 -23.02 32.86
CA THR A 78 2.63 -24.01 32.06
C THR A 78 2.54 -23.64 30.59
N LEU A 79 3.52 -24.13 29.83
CA LEU A 79 3.54 -23.99 28.37
C LEU A 79 3.39 -25.38 27.78
N SER A 80 2.96 -25.44 26.52
CA SER A 80 2.73 -26.74 25.89
C SER A 80 2.92 -26.62 24.39
N LEU A 81 3.40 -27.71 23.80
CA LEU A 81 3.55 -27.83 22.35
C LEU A 81 3.04 -29.19 21.92
N GLN A 82 2.01 -29.20 21.07
CA GLN A 82 1.41 -30.43 20.56
C GLN A 82 1.93 -30.66 19.15
N MET A 83 2.73 -31.72 18.98
CA MET A 83 3.33 -32.07 17.71
C MET A 83 2.52 -33.18 17.06
N ASN A 84 2.04 -32.93 15.85
CA ASN A 84 1.26 -33.89 15.09
C ASN A 84 1.90 -34.11 13.72
N SER A 85 1.68 -35.30 13.16
CA SER A 85 2.20 -35.67 11.85
C SER A 85 3.72 -35.52 11.80
N LEU A 86 4.40 -36.22 12.71
CA LEU A 86 5.83 -36.05 12.86
C LEU A 86 6.59 -36.60 11.67
N ARG A 87 7.75 -36.00 11.39
CA ARG A 87 8.68 -36.47 10.40
C ARG A 87 10.00 -36.80 11.10
N GLU A 88 10.83 -37.62 10.44
CA GLU A 88 12.07 -38.01 11.08
C GLU A 88 13.08 -36.86 11.13
N GLU A 89 12.90 -35.84 10.30
CA GLU A 89 13.76 -34.68 10.48
C GLU A 89 13.31 -33.79 11.63
N ASP A 90 12.34 -34.23 12.43
CA ASP A 90 12.01 -33.60 13.69
C ASP A 90 12.73 -34.24 14.86
N THR A 91 13.73 -35.09 14.60
CA THR A 91 14.59 -35.63 15.64
C THR A 91 15.44 -34.50 16.21
N ALA A 92 15.14 -34.06 17.42
CA ALA A 92 15.80 -32.87 17.94
C ALA A 92 15.69 -32.84 19.46
N VAL A 93 16.25 -31.78 20.03
CA VAL A 93 16.05 -31.42 21.43
C VAL A 93 15.25 -30.12 21.45
N TYR A 94 14.24 -30.05 22.28
CA TYR A 94 13.30 -28.94 22.25
C TYR A 94 13.41 -28.10 23.52
N TYR A 95 13.90 -26.87 23.37
CA TYR A 95 14.10 -25.95 24.47
C TYR A 95 12.91 -25.00 24.58
N CYS A 96 12.60 -24.62 25.81
CA CYS A 96 11.47 -23.74 26.13
C CYS A 96 12.04 -22.40 26.56
N ALA A 97 12.29 -21.54 25.58
CA ALA A 97 12.90 -20.24 25.83
C ALA A 97 11.89 -19.27 26.43
N LYS A 98 12.40 -18.12 26.87
CA LYS A 98 11.58 -17.06 27.44
C LYS A 98 12.02 -15.72 26.85
N ASP A 99 11.05 -14.84 26.61
CA ASP A 99 11.31 -13.54 26.01
C ASP A 99 11.87 -12.60 27.06
N ARG A 100 13.02 -12.00 26.76
CA ARG A 100 13.68 -11.12 27.72
C ARG A 100 12.86 -9.86 27.98
N ASN A 101 12.22 -9.32 26.95
CA ASN A 101 11.60 -8.01 27.06
C ASN A 101 10.18 -8.10 27.58
N LEU A 102 9.58 -6.92 27.76
CA LEU A 102 8.23 -6.77 28.27
C LEU A 102 7.45 -5.92 27.27
N TYR A 103 6.27 -6.40 26.88
CA TYR A 103 5.48 -5.78 25.82
C TYR A 103 4.18 -5.28 26.40
N TYR A 104 3.60 -4.26 25.76
CA TYR A 104 2.48 -3.55 26.37
C TYR A 104 1.13 -3.98 25.79
N TYR A 105 1.08 -4.24 24.48
CA TYR A 105 -0.21 -4.27 23.81
C TYR A 105 -0.77 -5.68 23.70
N ASP A 106 0.07 -6.70 23.82
CA ASP A 106 -0.32 -8.11 23.92
C ASP A 106 -0.92 -8.64 22.63
N SER A 107 -1.13 -7.80 21.63
CA SER A 107 -1.67 -8.25 20.35
C SER A 107 -0.94 -7.67 19.15
N GLY A 108 -0.11 -6.66 19.33
CA GLY A 108 0.60 -6.07 18.21
C GLY A 108 1.66 -6.98 17.65
N TYR A 109 2.34 -6.47 16.63
CA TYR A 109 3.40 -7.22 15.96
C TYR A 109 4.74 -6.72 16.50
N TYR A 110 5.36 -7.51 17.38
CA TYR A 110 6.66 -7.18 17.94
C TYR A 110 7.72 -8.01 17.22
N THR A 111 8.92 -7.45 17.08
CA THR A 111 9.80 -7.83 15.99
C THR A 111 11.24 -8.11 16.38
N GLU A 112 11.54 -8.33 17.66
CA GLU A 112 12.84 -8.84 18.05
C GLU A 112 12.70 -9.60 19.36
N PHE A 113 13.12 -10.86 19.37
CA PHE A 113 13.04 -11.69 20.55
C PHE A 113 14.46 -12.04 20.99
N SER A 114 14.76 -11.78 22.27
CA SER A 114 15.98 -12.23 22.91
C SER A 114 15.59 -13.18 24.04
N PHE A 115 16.24 -14.33 24.09
CA PHE A 115 15.89 -15.39 25.02
C PHE A 115 16.90 -15.41 26.16
N ASP A 116 16.46 -15.08 27.37
CA ASP A 116 17.39 -14.98 28.48
C ASP A 116 17.41 -16.26 29.32
N TYR A 117 16.28 -16.95 29.40
CA TYR A 117 16.17 -18.15 30.23
C TYR A 117 15.64 -19.29 29.37
N TRP A 118 16.52 -20.25 29.07
CA TRP A 118 16.15 -21.43 28.31
C TRP A 118 15.76 -22.57 29.25
N GLY A 119 15.63 -23.77 28.68
CA GLY A 119 15.27 -24.94 29.46
C GLY A 119 16.24 -26.08 29.18
N GLN A 120 16.12 -27.13 30.00
CA GLN A 120 17.09 -28.21 29.95
C GLN A 120 17.10 -28.91 28.60
N GLY A 121 15.92 -29.16 28.03
CA GLY A 121 15.84 -29.77 26.71
C GLY A 121 15.40 -31.22 26.71
N VAL A 122 14.18 -31.48 26.22
CA VAL A 122 13.66 -32.83 26.06
C VAL A 122 14.03 -33.32 24.68
N LEU A 123 14.47 -34.57 24.59
CA LEU A 123 14.92 -35.16 23.34
C LEU A 123 13.77 -35.92 22.71
N VAL A 124 13.36 -35.48 21.52
CA VAL A 124 12.27 -36.09 20.77
C VAL A 124 12.85 -36.74 19.53
N THR A 125 12.84 -38.07 19.50
CA THR A 125 13.25 -38.86 18.35
C THR A 125 12.01 -39.42 17.67
N VAL A 126 11.97 -39.32 16.35
CA VAL A 126 10.82 -39.74 15.56
C VAL A 126 11.30 -40.85 14.63
N SER A 127 11.12 -42.10 15.07
CA SER A 127 11.54 -43.26 14.28
C SER A 127 10.81 -44.48 14.81
N SER A 128 11.24 -45.65 14.34
CA SER A 128 10.65 -46.91 14.77
C SER A 128 11.68 -47.82 15.44
N GLN B 1 18.78 -12.17 2.48
CA GLN B 1 19.38 -13.43 2.06
C GLN B 1 18.93 -14.56 2.99
N SER B 2 18.40 -14.18 4.15
CA SER B 2 17.80 -15.09 5.11
C SER B 2 18.76 -16.17 5.59
N VAL B 3 20.07 -15.95 5.52
CA VAL B 3 21.07 -16.91 5.97
C VAL B 3 22.17 -16.16 6.69
N LEU B 4 22.49 -16.61 7.91
CA LEU B 4 23.57 -16.05 8.70
C LEU B 4 24.74 -17.02 8.67
N THR B 5 25.91 -16.54 8.29
CA THR B 5 27.06 -17.40 7.98
C THR B 5 28.17 -17.20 9.00
N GLN B 6 28.32 -18.18 9.91
CA GLN B 6 29.45 -18.21 10.83
C GLN B 6 30.48 -19.21 10.37
N PRO B 7 31.73 -19.09 10.81
CA PRO B 7 32.70 -20.14 10.55
C PRO B 7 32.38 -21.37 11.38
N PRO B 8 32.76 -22.56 10.92
CA PRO B 8 32.42 -23.77 11.69
C PRO B 8 33.22 -23.91 12.98
N SER B 9 34.38 -23.28 13.06
CA SER B 9 35.25 -23.41 14.23
C SER B 9 36.30 -22.32 14.22
N VAL B 10 36.57 -21.76 15.40
CA VAL B 10 37.63 -20.77 15.59
C VAL B 10 38.54 -21.27 16.71
N SER B 11 39.82 -20.92 16.63
CA SER B 11 40.82 -21.39 17.57
C SER B 11 41.69 -20.24 18.03
N GLY B 12 42.14 -20.29 19.27
CA GLY B 12 43.04 -19.28 19.81
C GLY B 12 43.83 -19.79 20.98
N ASP B 13 45.05 -19.28 21.12
CA ASP B 13 45.90 -19.61 22.26
C ASP B 13 45.29 -19.02 23.53
N PRO B 14 45.54 -19.65 24.69
CA PRO B 14 44.94 -19.15 25.93
C PRO B 14 45.49 -17.78 26.29
N GLY B 15 44.64 -16.95 26.91
CA GLY B 15 45.00 -15.61 27.29
C GLY B 15 44.88 -14.58 26.19
N GLN B 16 45.02 -14.98 24.93
CA GLN B 16 44.93 -14.06 23.80
C GLN B 16 43.46 -13.79 23.48
N SER B 17 43.18 -13.17 22.34
CA SER B 17 41.82 -12.82 21.94
C SER B 17 41.42 -13.58 20.70
N VAL B 18 40.11 -13.75 20.55
CA VAL B 18 39.51 -14.51 19.46
C VAL B 18 38.28 -13.76 18.96
N THR B 19 38.12 -13.73 17.63
CA THR B 19 37.00 -13.03 17.01
C THR B 19 36.17 -13.99 16.16
N ILE B 20 34.86 -14.00 16.40
CA ILE B 20 33.90 -14.80 15.68
C ILE B 20 33.03 -13.87 14.85
N SER B 21 32.84 -14.17 13.57
CA SER B 21 32.15 -13.29 12.64
C SER B 21 30.85 -13.92 12.18
N CYS B 22 29.82 -13.09 11.99
CA CYS B 22 28.51 -13.53 11.55
C CYS B 22 27.99 -12.51 10.54
N THR B 23 28.02 -12.88 9.26
CA THR B 23 27.73 -11.96 8.16
C THR B 23 26.35 -12.27 7.60
N GLY B 24 25.36 -11.45 7.94
CA GLY B 24 24.02 -11.64 7.46
C GLY B 24 23.68 -10.86 6.19
N SER B 25 22.64 -10.04 6.25
CA SER B 25 22.20 -9.27 5.10
C SER B 25 21.45 -8.03 5.60
N SER B 26 20.71 -7.37 4.70
CA SER B 26 20.03 -6.13 5.04
C SER B 26 18.79 -6.36 5.91
N SER B 27 17.95 -7.32 5.51
CA SER B 27 16.77 -7.62 6.32
C SER B 27 17.14 -8.40 7.58
N ASN B 28 18.30 -9.04 7.55
CA ASN B 28 18.96 -9.64 8.70
C ASN B 28 19.64 -8.57 9.52
N ILE B 29 20.73 -8.96 10.17
CA ILE B 29 21.57 -8.11 11.02
C ILE B 29 21.65 -6.67 10.50
N GLY B 30 21.82 -6.52 9.18
CA GLY B 30 22.04 -5.19 8.61
C GLY B 30 21.01 -4.16 9.05
N GLY B 31 19.81 -4.60 9.42
CA GLY B 31 18.81 -3.65 9.83
C GLY B 31 18.13 -3.94 11.14
N TYR B 32 18.54 -5.01 11.82
CA TYR B 32 17.90 -5.44 13.06
C TYR B 32 18.96 -5.89 14.05
N TYR B 33 18.50 -6.26 15.25
CA TYR B 33 19.41 -6.56 16.34
C TYR B 33 20.04 -7.94 16.19
N VAL B 34 21.06 -8.19 17.00
CA VAL B 34 21.80 -9.45 17.00
C VAL B 34 21.90 -9.93 18.44
N ASN B 35 21.93 -11.24 18.62
CA ASN B 35 22.14 -11.85 19.92
C ASN B 35 23.07 -13.04 19.79
N TRP B 36 24.02 -13.16 20.71
CA TRP B 36 24.95 -14.27 20.76
C TRP B 36 24.65 -15.11 21.99
N TYR B 37 24.46 -16.40 21.79
CA TYR B 37 24.22 -17.35 22.87
C TYR B 37 25.43 -18.27 22.99
N GLN B 38 25.63 -18.80 24.19
CA GLN B 38 26.72 -19.72 24.46
C GLN B 38 26.13 -21.00 25.04
N GLN B 39 26.60 -22.14 24.56
CA GLN B 39 26.06 -23.44 24.93
C GLN B 39 27.19 -24.41 25.17
N PHE B 40 27.33 -24.86 26.40
CA PHE B 40 28.33 -25.88 26.67
C PHE B 40 27.82 -27.24 26.21
N PRO B 41 28.68 -28.08 25.64
CA PRO B 41 28.20 -29.35 25.07
C PRO B 41 27.50 -30.21 26.11
N GLY B 42 26.20 -30.41 25.91
CA GLY B 42 25.39 -31.18 26.83
C GLY B 42 24.46 -30.38 27.71
N THR B 43 24.35 -29.08 27.49
CA THR B 43 23.52 -28.23 28.35
C THR B 43 22.87 -27.17 27.48
N ALA B 44 21.88 -26.49 28.05
CA ALA B 44 21.12 -25.48 27.32
C ALA B 44 22.00 -24.30 26.95
N PRO B 45 21.59 -23.51 25.95
CA PRO B 45 22.29 -22.25 25.69
C PRO B 45 21.80 -21.15 26.63
N LYS B 46 22.68 -20.21 26.91
CA LYS B 46 22.37 -19.07 27.76
C LYS B 46 22.67 -17.79 27.02
N LEU B 47 21.90 -16.75 27.33
CA LEU B 47 22.09 -15.45 26.69
C LEU B 47 23.46 -14.87 27.06
N LEU B 48 24.33 -14.75 26.07
CA LEU B 48 25.66 -14.20 26.27
C LEU B 48 25.73 -12.71 25.98
N ILE B 49 25.37 -12.29 24.77
CA ILE B 49 25.25 -10.89 24.40
C ILE B 49 23.89 -10.67 23.76
N TYR B 50 23.23 -9.59 24.15
CA TYR B 50 21.95 -9.22 23.56
C TYR B 50 22.06 -7.84 22.92
N ASP B 51 21.27 -7.62 21.87
CA ASP B 51 21.22 -6.36 21.15
C ASP B 51 22.60 -5.93 20.68
N ASP B 52 23.41 -6.93 20.33
CA ASP B 52 24.65 -6.82 19.57
C ASP B 52 25.75 -6.02 20.26
N ASN B 53 25.49 -5.46 21.44
CA ASN B 53 26.51 -4.75 22.20
C ASN B 53 26.53 -5.05 23.68
N ASN B 54 25.39 -5.42 24.27
CA ASN B 54 25.31 -5.45 25.72
C ASN B 54 25.62 -6.83 26.26
N ARG B 55 25.76 -6.90 27.58
CA ARG B 55 25.91 -8.11 28.36
C ARG B 55 24.86 -8.16 29.46
N PRO B 56 24.29 -9.32 29.75
CA PRO B 56 23.47 -9.45 30.95
C PRO B 56 24.34 -9.38 32.20
N SER B 57 23.69 -9.56 33.35
CA SER B 57 24.39 -9.36 34.62
C SER B 57 25.49 -10.39 34.82
N GLY B 58 25.16 -11.68 34.70
CA GLY B 58 26.10 -12.71 35.11
C GLY B 58 27.28 -12.88 34.18
N VAL B 59 27.21 -12.27 32.99
CA VAL B 59 28.27 -12.47 32.00
C VAL B 59 29.46 -11.58 32.33
N SER B 60 30.65 -12.15 32.21
CA SER B 60 31.88 -11.43 32.51
C SER B 60 32.31 -10.56 31.34
N ASP B 61 33.14 -9.57 31.64
CA ASP B 61 33.54 -8.56 30.66
C ASP B 61 34.58 -9.04 29.67
N ARG B 62 34.85 -10.36 29.61
CA ARG B 62 35.82 -10.85 28.63
C ARG B 62 35.17 -11.00 27.26
N PHE B 63 33.85 -11.05 27.21
CA PHE B 63 33.11 -11.16 25.96
C PHE B 63 32.56 -9.79 25.57
N SER B 64 32.92 -9.35 24.37
CA SER B 64 32.39 -8.11 23.81
C SER B 64 31.63 -8.43 22.53
N GLY B 65 30.51 -7.76 22.33
CA GLY B 65 29.75 -7.96 21.12
C GLY B 65 29.65 -6.69 20.31
N SER B 66 29.77 -6.79 18.98
CA SER B 66 29.67 -5.64 18.10
C SER B 66 28.90 -6.03 16.85
N LYS B 67 28.44 -5.01 16.12
CA LYS B 67 27.78 -5.21 14.84
C LYS B 67 27.86 -3.90 14.06
N SER B 68 28.34 -3.97 12.81
CA SER B 68 28.60 -2.77 12.03
C SER B 68 28.15 -3.01 10.59
N GLY B 69 26.92 -2.64 10.28
CA GLY B 69 26.44 -2.80 8.92
C GLY B 69 25.92 -4.21 8.70
N THR B 70 26.56 -4.92 7.77
CA THR B 70 26.11 -6.26 7.43
C THR B 70 26.55 -7.29 8.47
N SER B 71 27.77 -7.15 8.98
CA SER B 71 28.38 -8.19 9.79
C SER B 71 28.42 -7.82 11.27
N ALA B 72 28.23 -8.83 12.11
CA ALA B 72 28.40 -8.72 13.55
C ALA B 72 29.59 -9.58 13.96
N SER B 73 30.11 -9.31 15.16
CA SER B 73 31.29 -9.99 15.65
C SER B 73 31.23 -10.15 17.16
N LEU B 74 31.88 -11.21 17.64
CA LEU B 74 32.07 -11.48 19.05
C LEU B 74 33.55 -11.55 19.31
N THR B 75 34.02 -10.87 20.35
CA THR B 75 35.43 -10.87 20.71
C THR B 75 35.59 -11.42 22.12
N ILE B 76 36.53 -12.35 22.28
CA ILE B 76 36.84 -12.96 23.57
C ILE B 76 38.25 -12.53 23.92
N THR B 77 38.39 -11.78 25.01
CA THR B 77 39.69 -11.34 25.50
C THR B 77 40.03 -12.12 26.76
N GLY B 78 41.09 -12.92 26.68
CA GLY B 78 41.44 -13.82 27.76
C GLY B 78 40.77 -15.15 27.53
N LEU B 79 41.54 -16.18 27.21
CA LEU B 79 40.98 -17.46 26.79
C LEU B 79 41.25 -18.51 27.87
N GLN B 80 40.34 -18.58 28.83
CA GLN B 80 40.40 -19.66 29.80
C GLN B 80 40.00 -20.97 29.12
N PRO B 81 40.71 -22.07 29.39
CA PRO B 81 40.34 -23.35 28.77
C PRO B 81 38.94 -23.82 29.12
N GLY B 82 38.21 -23.10 29.95
CA GLY B 82 36.91 -23.52 30.43
C GLY B 82 35.71 -22.89 29.75
N ASP B 83 35.92 -21.93 28.87
CA ASP B 83 34.80 -21.31 28.16
C ASP B 83 34.57 -21.92 26.78
N GLU B 84 35.17 -23.08 26.50
CA GLU B 84 34.90 -23.77 25.24
C GLU B 84 33.42 -24.13 25.15
N ALA B 85 32.81 -23.79 24.02
CA ALA B 85 31.37 -23.96 23.85
C ALA B 85 30.96 -23.72 22.41
N ASP B 86 29.65 -23.72 22.18
CA ASP B 86 29.08 -23.37 20.88
C ASP B 86 28.50 -21.97 20.98
N TYR B 87 28.85 -21.11 20.03
CA TYR B 87 28.42 -19.72 20.02
C TYR B 87 27.45 -19.51 18.86
N HIS B 88 26.22 -19.10 19.19
CA HIS B 88 25.13 -19.02 18.24
C HIS B 88 24.78 -17.56 17.98
N CYS B 89 24.95 -17.14 16.72
CA CYS B 89 24.53 -15.81 16.28
C CYS B 89 23.05 -15.85 15.90
N SER B 90 22.28 -14.90 16.44
CA SER B 90 20.82 -14.91 16.33
C SER B 90 20.30 -13.56 15.85
N GLY B 91 20.22 -13.38 14.53
CA GLY B 91 19.59 -12.20 13.98
C GLY B 91 18.08 -12.29 13.96
N TRP B 92 17.46 -11.37 13.22
CA TRP B 92 16.04 -11.38 12.95
C TRP B 92 15.84 -11.00 11.49
N ASP B 93 14.92 -11.67 10.82
CA ASP B 93 14.68 -11.45 9.39
C ASP B 93 13.30 -10.85 9.20
N SER B 94 13.23 -9.72 8.51
CA SER B 94 11.95 -9.08 8.25
C SER B 94 11.23 -9.75 7.09
N SER B 95 11.98 -10.35 6.15
CA SER B 95 11.35 -11.06 5.05
C SER B 95 10.56 -12.26 5.55
N LEU B 96 11.19 -13.12 6.36
CA LEU B 96 10.52 -14.25 6.96
C LEU B 96 9.68 -13.87 8.17
N SER B 97 10.02 -12.78 8.86
CA SER B 97 9.36 -12.37 10.10
C SER B 97 9.50 -13.45 11.18
N ALA B 98 10.71 -13.99 11.32
CA ALA B 98 10.98 -15.00 12.31
C ALA B 98 12.43 -14.92 12.75
N VAL B 99 12.70 -15.43 13.94
CA VAL B 99 14.06 -15.38 14.49
C VAL B 99 14.97 -16.32 13.72
N LEU B 100 16.08 -15.79 13.23
CA LEU B 100 17.10 -16.58 12.55
C LEU B 100 18.12 -17.06 13.58
N PHE B 101 18.93 -18.02 13.15
CA PHE B 101 20.02 -18.54 13.96
C PHE B 101 21.19 -18.87 13.05
N GLY B 102 22.34 -19.11 13.67
CA GLY B 102 23.53 -19.51 12.94
C GLY B 102 23.90 -20.96 13.20
N ARG B 103 24.83 -21.46 12.40
CA ARG B 103 25.23 -22.85 12.51
C ARG B 103 25.98 -23.12 13.80
N GLY B 104 26.40 -22.07 14.50
CA GLY B 104 27.16 -22.25 15.72
C GLY B 104 28.63 -22.48 15.43
N THR B 105 29.48 -21.97 16.31
CA THR B 105 30.92 -22.09 16.16
C THR B 105 31.51 -22.76 17.39
N ARG B 106 32.37 -23.75 17.15
CA ARG B 106 33.01 -24.52 18.21
C ARG B 106 34.33 -23.85 18.57
N LEU B 107 34.31 -23.06 19.64
CA LEU B 107 35.52 -22.42 20.12
C LEU B 107 36.44 -23.44 20.75
N THR B 108 37.62 -23.62 20.18
CA THR B 108 38.64 -24.51 20.72
C THR B 108 39.87 -23.71 21.12
N VAL B 109 40.46 -24.05 22.25
CA VAL B 109 41.68 -23.40 22.72
C VAL B 109 42.86 -24.32 22.46
N LEU B 110 44.03 -23.72 22.23
CA LEU B 110 45.22 -24.49 21.90
C LEU B 110 45.91 -24.98 23.17
N VAL C 2 -13.63 28.51 -15.61
CA VAL C 2 -13.06 29.43 -16.59
C VAL C 2 -12.82 30.80 -15.95
N GLN C 3 -13.28 30.98 -14.71
CA GLN C 3 -13.14 32.24 -14.00
C GLN C 3 -12.43 32.00 -12.68
N LEU C 4 -11.17 32.41 -12.60
CA LEU C 4 -10.38 32.38 -11.38
C LEU C 4 -10.07 33.81 -10.99
N VAL C 5 -10.77 34.32 -9.97
CA VAL C 5 -10.61 35.72 -9.58
C VAL C 5 -10.19 35.78 -8.12
N GLU C 6 -9.16 36.58 -7.84
CA GLU C 6 -8.57 36.64 -6.51
C GLU C 6 -8.94 37.93 -5.78
N SER C 7 -8.65 37.93 -4.48
CA SER C 7 -8.93 39.06 -3.62
C SER C 7 -8.09 38.91 -2.35
N GLY C 8 -8.09 39.96 -1.54
CA GLY C 8 -7.43 39.93 -0.25
C GLY C 8 -6.07 40.59 -0.21
N GLY C 9 -5.51 40.96 -1.36
CA GLY C 9 -4.21 41.61 -1.38
C GLY C 9 -4.25 43.03 -0.86
N GLY C 10 -3.08 43.67 -0.90
CA GLY C 10 -3.00 45.04 -0.42
C GLY C 10 -1.65 45.31 0.22
N LEU C 11 -1.63 46.33 1.06
CA LEU C 11 -0.41 46.82 1.70
C LEU C 11 -0.40 46.42 3.17
N VAL C 12 0.73 45.86 3.61
CA VAL C 12 0.88 45.36 4.97
C VAL C 12 2.29 45.71 5.45
N LYS C 13 2.41 46.02 6.74
CA LYS C 13 3.72 46.22 7.34
C LYS C 13 4.33 44.86 7.70
N PRO C 14 5.65 44.74 7.60
CA PRO C 14 6.28 43.43 7.84
C PRO C 14 5.92 42.87 9.20
N GLY C 15 5.71 41.55 9.24
CA GLY C 15 5.34 40.84 10.43
C GLY C 15 3.88 40.46 10.52
N GLY C 16 3.00 41.14 9.78
CA GLY C 16 1.57 40.92 9.92
C GLY C 16 1.05 39.74 9.11
N SER C 17 -0.26 39.54 9.22
CA SER C 17 -0.96 38.44 8.57
C SER C 17 -1.76 38.96 7.39
N LEU C 18 -2.00 38.10 6.40
CA LEU C 18 -2.72 38.46 5.19
C LEU C 18 -3.27 37.21 4.52
N ARG C 19 -4.57 37.18 4.28
CA ARG C 19 -5.23 35.99 3.78
C ARG C 19 -5.83 36.26 2.40
N LEU C 20 -5.20 35.72 1.36
CA LEU C 20 -5.67 35.88 -0.01
C LEU C 20 -6.68 34.80 -0.35
N SER C 21 -7.55 35.09 -1.32
CA SER C 21 -8.60 34.19 -1.75
C SER C 21 -8.65 34.14 -3.26
N CYS C 22 -9.16 33.02 -3.78
CA CYS C 22 -9.31 32.77 -5.22
C CYS C 22 -10.61 32.03 -5.46
N VAL C 23 -11.65 32.77 -5.86
CA VAL C 23 -12.91 32.14 -6.21
C VAL C 23 -12.83 31.60 -7.63
N ALA C 24 -13.36 30.39 -7.82
CA ALA C 24 -13.29 29.68 -9.08
C ALA C 24 -14.70 29.31 -9.52
N SER C 25 -15.06 29.69 -10.74
CA SER C 25 -16.37 29.40 -11.31
C SER C 25 -16.22 28.92 -12.75
N GLY C 26 -17.16 28.08 -13.16
CA GLY C 26 -17.15 27.51 -14.49
C GLY C 26 -16.67 26.09 -14.60
N PHE C 27 -16.36 25.44 -13.47
CA PHE C 27 -15.88 24.07 -13.50
C PHE C 27 -16.09 23.45 -12.13
N THR C 28 -16.13 22.12 -12.10
CA THR C 28 -16.18 21.41 -10.83
C THR C 28 -14.87 21.61 -10.08
N PHE C 29 -14.96 22.20 -8.90
CA PHE C 29 -13.75 22.57 -8.15
C PHE C 29 -12.98 21.34 -7.70
N SER C 30 -13.69 20.25 -7.42
CA SER C 30 -13.04 19.11 -6.75
C SER C 30 -12.24 18.26 -7.73
N ASP C 31 -12.40 18.50 -9.03
CA ASP C 31 -11.61 17.74 -10.00
C ASP C 31 -10.19 18.24 -10.15
N TYR C 32 -9.81 19.34 -9.50
CA TYR C 32 -8.58 20.03 -9.81
C TYR C 32 -7.71 20.24 -8.59
N GLU C 33 -6.40 20.15 -8.82
CA GLU C 33 -5.36 20.42 -7.83
C GLU C 33 -4.95 21.88 -7.95
N MET C 34 -4.99 22.61 -6.84
CA MET C 34 -4.86 24.06 -6.88
C MET C 34 -3.47 24.51 -6.42
N HIS C 35 -2.81 25.31 -7.26
CA HIS C 35 -1.49 25.83 -6.99
C HIS C 35 -1.53 27.34 -6.88
N TRP C 36 -0.56 27.89 -6.15
CA TRP C 36 -0.31 29.33 -6.09
C TRP C 36 1.05 29.60 -6.71
N VAL C 37 1.14 30.65 -7.53
CA VAL C 37 2.39 31.06 -8.15
C VAL C 37 2.52 32.57 -8.00
N ARG C 38 3.59 33.02 -7.38
CA ARG C 38 3.81 34.44 -7.15
C ARG C 38 4.93 34.93 -8.05
N GLN C 39 4.91 36.22 -8.34
CA GLN C 39 5.92 36.86 -9.17
C GLN C 39 6.22 38.25 -8.60
N ALA C 40 7.41 38.41 -8.05
CA ALA C 40 7.88 39.71 -7.60
C ALA C 40 8.24 40.55 -8.82
N PRO C 41 8.30 41.88 -8.67
CA PRO C 41 8.68 42.72 -9.83
C PRO C 41 9.98 42.29 -10.48
N GLY C 42 10.82 41.54 -9.78
CA GLY C 42 11.96 40.91 -10.43
C GLY C 42 11.49 39.80 -11.36
N LYS C 43 11.99 39.83 -12.59
CA LYS C 43 11.53 38.91 -13.61
C LYS C 43 11.75 37.46 -13.19
N GLY C 44 10.69 36.66 -13.26
CA GLY C 44 10.76 35.26 -12.88
C GLY C 44 9.56 34.87 -12.04
N LEU C 45 8.93 33.77 -12.43
CA LEU C 45 7.80 33.21 -11.69
C LEU C 45 8.31 32.33 -10.56
N GLU C 46 7.51 32.26 -9.50
CA GLU C 46 7.89 31.57 -8.28
C GLU C 46 6.75 30.66 -7.86
N TRP C 47 6.98 29.35 -7.92
CA TRP C 47 6.01 28.41 -7.38
C TRP C 47 5.99 28.50 -5.86
N VAL C 48 4.80 28.59 -5.28
CA VAL C 48 4.63 28.82 -3.85
C VAL C 48 4.12 27.57 -3.13
N SER C 49 2.92 27.11 -3.51
CA SER C 49 2.25 26.08 -2.72
C SER C 49 1.25 25.34 -3.60
N VAL C 50 0.83 24.17 -3.12
CA VAL C 50 -0.15 23.34 -3.82
C VAL C 50 -1.00 22.62 -2.79
N ILE C 51 -2.27 22.41 -3.14
CA ILE C 51 -3.20 21.62 -2.34
C ILE C 51 -3.95 20.69 -3.28
N SER C 52 -4.28 19.50 -2.78
CA SER C 52 -4.87 18.45 -3.57
C SER C 52 -6.39 18.58 -3.60
N GLU C 53 -7.02 17.73 -4.42
CA GLU C 53 -8.45 17.86 -4.68
C GLU C 53 -9.28 17.76 -3.41
N SER C 54 -8.78 17.06 -2.40
CA SER C 54 -9.52 16.85 -1.17
C SER C 54 -8.98 17.66 0.00
N GLY C 55 -7.83 18.30 -0.15
CA GLY C 55 -7.22 19.03 0.94
C GLY C 55 -6.39 18.20 1.88
N GLY C 56 -6.15 16.92 1.55
CA GLY C 56 -5.44 16.05 2.46
C GLY C 56 -3.94 16.25 2.40
N THR C 57 -3.43 16.68 1.25
CA THR C 57 -2.00 16.87 1.05
C THR C 57 -1.74 18.31 0.60
N THR C 58 -0.92 19.02 1.36
CA THR C 58 -0.47 20.35 1.00
C THR C 58 1.04 20.36 0.92
N TYR C 59 1.59 21.02 -0.08
CA TYR C 59 3.03 21.12 -0.26
C TYR C 59 3.41 22.59 -0.40
N TYR C 60 4.57 22.95 0.14
CA TYR C 60 5.02 24.33 0.16
C TYR C 60 6.45 24.43 -0.35
N ALA C 61 6.77 25.58 -0.92
CA ALA C 61 8.11 25.82 -1.42
C ALA C 61 9.09 25.93 -0.27
N ASP C 62 10.38 25.98 -0.61
CA ASP C 62 11.42 26.09 0.41
C ASP C 62 11.32 27.41 1.14
N SER C 63 11.09 28.50 0.41
CA SER C 63 11.11 29.82 1.01
C SER C 63 9.87 30.08 1.86
N VAL C 64 8.71 29.62 1.39
CA VAL C 64 7.44 29.98 2.04
C VAL C 64 6.96 28.94 3.03
N LYS C 65 7.74 27.90 3.29
CA LYS C 65 7.29 26.85 4.21
C LYS C 65 7.40 27.31 5.65
N GLY C 66 6.38 26.96 6.45
CA GLY C 66 6.31 27.37 7.83
C GLY C 66 5.50 28.62 8.07
N ARG C 67 5.45 29.52 7.11
CA ARG C 67 4.73 30.78 7.22
C ARG C 67 3.38 30.76 6.49
N PHE C 68 3.39 30.41 5.20
CA PHE C 68 2.18 30.41 4.38
C PHE C 68 1.48 29.07 4.49
N THR C 69 0.16 29.09 4.58
CA THR C 69 -0.65 27.89 4.67
C THR C 69 -1.76 27.96 3.62
N ILE C 70 -1.81 26.97 2.74
CA ILE C 70 -2.83 26.91 1.70
C ILE C 70 -4.01 26.11 2.21
N SER C 71 -5.21 26.45 1.72
CA SER C 71 -6.43 25.78 2.11
C SER C 71 -7.44 25.89 0.98
N ARG C 72 -8.49 25.08 1.03
CA ARG C 72 -9.54 25.16 0.03
C ARG C 72 -10.87 24.72 0.64
N ASP C 73 -11.93 25.38 0.22
CA ASP C 73 -13.30 25.01 0.56
C ASP C 73 -14.02 24.66 -0.73
N ASN C 74 -14.34 23.38 -0.89
CA ASN C 74 -14.95 22.92 -2.14
C ASN C 74 -16.39 23.39 -2.26
N ALA C 75 -17.08 23.56 -1.12
CA ALA C 75 -18.45 24.04 -1.17
C ALA C 75 -18.53 25.44 -1.77
N LYS C 76 -17.77 26.39 -1.22
CA LYS C 76 -17.77 27.76 -1.71
C LYS C 76 -16.82 27.97 -2.88
N ASN C 77 -16.33 26.89 -3.49
CA ASN C 77 -15.41 26.97 -4.64
C ASN C 77 -14.24 27.90 -4.38
N SER C 78 -13.78 27.99 -3.14
CA SER C 78 -12.80 29.00 -2.74
C SER C 78 -11.46 28.33 -2.45
N LEU C 79 -10.38 29.03 -2.77
CA LEU C 79 -9.01 28.59 -2.49
C LEU C 79 -8.30 29.70 -1.75
N PHE C 80 -7.93 29.45 -0.49
CA PHE C 80 -7.35 30.46 0.37
C PHE C 80 -5.86 30.23 0.54
N LEU C 81 -5.13 31.31 0.78
CA LEU C 81 -3.72 31.27 1.15
C LEU C 81 -3.51 32.23 2.31
N GLN C 82 -3.33 31.68 3.51
CA GLN C 82 -3.06 32.47 4.69
C GLN C 82 -1.57 32.72 4.78
N MET C 83 -1.19 33.94 5.18
CA MET C 83 0.19 34.35 5.21
C MET C 83 0.52 34.94 6.57
N ASN C 84 1.42 34.30 7.29
CA ASN C 84 1.89 34.76 8.59
C ASN C 84 3.35 35.16 8.46
N SER C 85 3.74 36.14 9.28
CA SER C 85 5.13 36.58 9.34
C SER C 85 5.65 37.02 7.98
N LEU C 86 4.93 37.95 7.35
CA LEU C 86 5.34 38.47 6.06
C LEU C 86 6.70 39.14 6.16
N ARG C 87 7.35 39.33 5.02
CA ARG C 87 8.65 39.96 4.95
C ARG C 87 8.74 40.83 3.71
N ALA C 88 9.91 41.44 3.51
CA ALA C 88 10.07 42.41 2.43
C ALA C 88 10.10 41.72 1.08
N GLU C 89 10.61 40.50 1.01
CA GLU C 89 10.72 39.79 -0.25
C GLU C 89 9.42 39.11 -0.68
N ASP C 90 8.34 39.28 0.08
CA ASP C 90 7.06 38.69 -0.25
C ASP C 90 6.11 39.65 -0.94
N THR C 91 6.64 40.71 -1.57
CA THR C 91 5.80 41.65 -2.33
C THR C 91 5.74 41.19 -3.77
N ALA C 92 4.57 40.75 -4.22
CA ALA C 92 4.49 40.11 -5.52
C ALA C 92 3.05 40.06 -6.00
N VAL C 93 2.89 39.71 -7.27
CA VAL C 93 1.61 39.41 -7.86
C VAL C 93 1.35 37.92 -7.69
N TYR C 94 0.20 37.58 -7.13
CA TYR C 94 -0.14 36.20 -6.78
C TYR C 94 -1.23 35.70 -7.73
N TYR C 95 -0.97 34.58 -8.40
CA TYR C 95 -1.88 33.94 -9.33
C TYR C 95 -2.25 32.55 -8.82
N CYS C 96 -3.55 32.27 -8.74
CA CYS C 96 -4.04 30.93 -8.45
C CYS C 96 -4.24 30.19 -9.77
N THR C 97 -3.65 29.00 -9.87
CA THR C 97 -3.78 28.19 -11.07
C THR C 97 -4.21 26.78 -10.68
N ARG C 98 -4.54 25.98 -11.67
CA ARG C 98 -5.13 24.67 -11.45
C ARG C 98 -4.53 23.63 -12.38
N VAL C 99 -4.61 22.37 -11.96
CA VAL C 99 -4.20 21.23 -12.76
C VAL C 99 -5.30 20.18 -12.68
N VAL C 100 -5.54 19.49 -13.79
CA VAL C 100 -6.64 18.51 -13.82
C VAL C 100 -6.11 17.15 -13.39
N ILE C 101 -6.91 16.42 -12.61
CA ILE C 101 -6.60 15.07 -12.18
C ILE C 101 -7.43 14.12 -13.04
N VAL C 102 -6.75 13.32 -13.88
CA VAL C 102 -7.47 12.46 -14.81
C VAL C 102 -8.09 11.28 -14.07
N VAL C 103 -7.26 10.39 -13.54
CA VAL C 103 -7.73 9.38 -12.59
C VAL C 103 -6.83 9.43 -11.36
N PHE C 104 -5.53 9.26 -11.56
CA PHE C 104 -4.51 9.58 -10.56
C PHE C 104 -3.46 10.52 -11.10
N THR C 105 -3.26 10.56 -12.41
CA THR C 105 -2.27 11.41 -13.04
C THR C 105 -2.75 12.85 -13.07
N ALA C 106 -1.78 13.77 -13.10
CA ALA C 106 -2.04 15.18 -13.32
C ALA C 106 -1.36 15.60 -14.62
N MET C 107 -2.16 16.08 -15.56
CA MET C 107 -1.65 16.50 -16.87
C MET C 107 -2.29 17.82 -17.23
N ARG C 108 -1.75 18.45 -18.27
CA ARG C 108 -2.11 19.82 -18.64
C ARG C 108 -1.91 20.75 -17.45
N HIS C 109 -0.66 20.81 -16.98
CA HIS C 109 -0.36 21.54 -15.75
C HIS C 109 -0.51 23.04 -15.96
N PHE C 110 -1.16 23.68 -15.00
CA PHE C 110 -1.43 25.11 -15.04
C PHE C 110 -2.20 25.47 -16.31
N ASP C 111 -3.41 24.92 -16.41
CA ASP C 111 -4.22 25.11 -17.61
C ASP C 111 -4.66 26.55 -17.76
N TYR C 112 -5.41 27.06 -16.79
CA TYR C 112 -5.78 28.47 -16.75
C TYR C 112 -5.08 29.10 -15.55
N TRP C 113 -5.09 30.43 -15.54
CA TRP C 113 -4.54 31.20 -14.43
C TRP C 113 -5.61 32.15 -13.91
N GLY C 114 -5.27 32.86 -12.84
CA GLY C 114 -6.19 33.80 -12.24
C GLY C 114 -5.92 35.23 -12.67
N GLN C 115 -6.63 36.14 -12.00
CA GLN C 115 -6.42 37.56 -12.26
C GLN C 115 -5.07 38.02 -11.73
N GLY C 116 -4.82 37.78 -10.44
CA GLY C 116 -3.53 38.04 -9.82
C GLY C 116 -3.55 39.22 -8.90
N VAL C 117 -3.64 38.97 -7.59
CA VAL C 117 -3.65 40.06 -6.62
C VAL C 117 -2.24 40.61 -6.47
N LEU C 118 -2.13 41.76 -5.82
CA LEU C 118 -0.84 42.37 -5.52
C LEU C 118 -0.68 42.48 -4.02
N VAL C 119 0.46 42.03 -3.51
CA VAL C 119 0.77 42.08 -2.09
C VAL C 119 2.03 42.91 -1.92
N THR C 120 1.90 44.05 -1.25
CA THR C 120 3.02 44.95 -0.98
C THR C 120 3.28 44.94 0.51
N VAL C 121 4.54 44.83 0.90
CA VAL C 121 4.95 44.75 2.30
C VAL C 121 5.97 45.85 2.55
N SER C 122 5.52 46.91 3.24
CA SER C 122 6.38 48.02 3.58
C SER C 122 5.78 48.75 4.77
N SER C 123 6.61 49.52 5.46
CA SER C 123 6.16 50.26 6.63
C SER C 123 5.81 51.69 6.25
N ASP D 1 16.19 19.65 -5.03
CA ASP D 1 15.42 20.58 -5.83
C ASP D 1 16.04 20.69 -7.22
N ILE D 2 15.23 20.52 -8.26
CA ILE D 2 15.74 20.42 -9.62
C ILE D 2 15.90 21.83 -10.19
N GLN D 3 17.11 22.15 -10.62
CA GLN D 3 17.44 23.48 -11.15
C GLN D 3 17.33 23.47 -12.67
N MET D 4 16.68 24.50 -13.22
CA MET D 4 16.52 24.66 -14.65
C MET D 4 17.18 25.95 -15.10
N THR D 5 17.92 25.88 -16.21
CA THR D 5 18.69 27.03 -16.72
C THR D 5 18.39 27.20 -18.20
N GLN D 6 17.50 28.14 -18.53
CA GLN D 6 17.26 28.46 -19.93
C GLN D 6 18.48 29.14 -20.54
N SER D 7 18.84 28.71 -21.75
CA SER D 7 20.08 29.19 -22.36
C SER D 7 19.95 30.61 -22.88
N PRO D 8 18.86 31.00 -23.53
CA PRO D 8 18.69 32.42 -23.88
C PRO D 8 18.05 33.19 -22.74
N SER D 9 18.61 34.36 -22.44
CA SER D 9 18.00 35.27 -21.49
C SER D 9 17.23 36.40 -22.18
N SER D 10 17.68 36.81 -23.37
CA SER D 10 16.99 37.80 -24.18
C SER D 10 17.51 37.72 -25.60
N LEU D 11 16.61 37.50 -26.55
CA LEU D 11 16.97 37.43 -27.95
C LEU D 11 15.92 38.17 -28.78
N SER D 12 16.37 38.89 -29.79
CA SER D 12 15.50 39.66 -30.67
C SER D 12 15.55 39.07 -32.07
N ALA D 13 14.41 39.06 -32.76
CA ALA D 13 14.32 38.49 -34.09
C ALA D 13 13.26 39.21 -34.91
N PRO D 14 13.51 39.43 -36.19
CA PRO D 14 12.52 40.13 -37.02
C PRO D 14 11.29 39.28 -37.26
N VAL D 15 10.20 39.96 -37.63
CA VAL D 15 8.97 39.24 -37.96
C VAL D 15 9.18 38.41 -39.22
N GLY D 16 8.67 37.19 -39.21
CA GLY D 16 8.85 36.27 -40.31
C GLY D 16 10.02 35.32 -40.15
N ASP D 17 10.58 35.20 -38.95
CA ASP D 17 11.69 34.31 -38.69
C ASP D 17 11.26 33.28 -37.64
N THR D 18 12.20 32.41 -37.29
CA THR D 18 11.97 31.35 -36.31
C THR D 18 13.03 31.42 -35.22
N VAL D 19 12.59 31.36 -33.97
CA VAL D 19 13.49 31.40 -32.83
C VAL D 19 13.44 30.07 -32.11
N THR D 20 14.51 29.78 -31.37
CA THR D 20 14.64 28.53 -30.63
C THR D 20 15.18 28.82 -29.23
N ILE D 21 14.52 28.24 -28.24
CA ILE D 21 14.84 28.44 -26.83
C ILE D 21 15.15 27.07 -26.22
N THR D 22 16.01 27.08 -25.21
CA THR D 22 16.45 25.87 -24.53
C THR D 22 16.09 25.96 -23.05
N CYS D 23 15.68 24.83 -22.47
CA CYS D 23 15.42 24.74 -21.03
C CYS D 23 16.08 23.47 -20.49
N ARG D 24 17.34 23.58 -20.10
CA ARG D 24 18.08 22.44 -19.58
C ARG D 24 17.82 22.24 -18.09
N ALA D 25 17.82 20.98 -17.67
CA ALA D 25 17.59 20.62 -16.27
C ALA D 25 18.81 19.88 -15.73
N SER D 26 18.92 19.87 -14.40
CA SER D 26 20.03 19.14 -13.77
C SER D 26 19.71 17.65 -13.66
N GLN D 27 18.66 17.30 -12.91
CA GLN D 27 18.17 15.93 -12.84
C GLN D 27 17.38 15.62 -14.09
N GLY D 28 17.64 14.47 -14.69
CA GLY D 28 16.92 14.08 -15.89
C GLY D 28 15.42 13.93 -15.66
N ILE D 29 14.62 14.58 -16.49
CA ILE D 29 13.18 14.49 -16.43
C ILE D 29 12.69 13.85 -17.73
N ASN D 30 11.68 13.00 -17.62
CA ASN D 30 11.20 12.20 -18.73
C ASN D 30 9.98 12.88 -19.35
N SER D 31 10.23 13.93 -20.14
CA SER D 31 9.17 14.65 -20.85
C SER D 31 8.11 15.18 -19.90
N TYR D 32 8.52 16.08 -19.01
CA TYR D 32 7.63 16.63 -17.99
C TYR D 32 7.80 18.16 -17.93
N LEU D 33 7.76 18.81 -19.09
CA LEU D 33 8.09 20.21 -19.21
C LEU D 33 6.95 20.95 -19.90
N ASN D 34 6.26 21.82 -19.16
CA ASN D 34 5.22 22.69 -19.69
C ASN D 34 5.84 24.04 -20.02
N TRP D 35 5.68 24.49 -21.26
CA TRP D 35 6.14 25.82 -21.65
C TRP D 35 5.04 26.84 -21.42
N PHE D 36 5.43 28.06 -21.05
CA PHE D 36 4.50 29.13 -20.77
C PHE D 36 4.96 30.40 -21.45
N GLN D 37 4.00 31.24 -21.82
CA GLN D 37 4.25 32.56 -22.36
C GLN D 37 3.52 33.59 -21.52
N GLN D 38 4.22 34.65 -21.14
CA GLN D 38 3.66 35.70 -20.31
C GLN D 38 3.77 37.05 -21.02
N LYS D 39 2.67 37.82 -21.00
CA LYS D 39 2.55 39.19 -21.47
C LYS D 39 2.66 40.14 -20.29
N PRO D 40 3.39 41.25 -20.42
CA PRO D 40 3.58 42.15 -19.26
C PRO D 40 2.25 42.64 -18.71
N GLY D 41 2.01 42.31 -17.44
CA GLY D 41 0.80 42.70 -16.76
C GLY D 41 -0.35 41.72 -16.86
N LYS D 42 -0.18 40.61 -17.56
CA LYS D 42 -1.22 39.60 -17.69
C LYS D 42 -0.71 38.27 -17.17
N ALA D 43 -1.65 37.37 -16.87
CA ALA D 43 -1.28 36.05 -16.40
C ALA D 43 -0.66 35.23 -17.52
N PRO D 44 0.30 34.38 -17.21
CA PRO D 44 0.96 33.58 -18.25
C PRO D 44 -0.02 32.65 -18.94
N LYS D 45 0.38 32.18 -20.12
CA LYS D 45 -0.44 31.31 -20.94
C LYS D 45 0.29 30.00 -21.21
N LEU D 46 -0.39 28.89 -20.95
CA LEU D 46 0.19 27.58 -21.23
C LEU D 46 0.27 27.37 -22.74
N LEU D 47 1.43 26.94 -23.22
CA LEU D 47 1.64 26.75 -24.65
C LEU D 47 1.78 25.29 -25.02
N ILE D 48 2.73 24.57 -24.44
CA ILE D 48 3.05 23.19 -24.81
C ILE D 48 3.07 22.37 -23.52
N TYR D 49 1.99 21.62 -23.29
CA TYR D 49 1.78 20.96 -22.01
C TYR D 49 2.47 19.62 -21.91
N ASP D 50 3.49 19.38 -22.72
CA ASP D 50 4.39 18.25 -22.53
C ASP D 50 5.69 18.60 -23.23
N ALA D 51 6.54 17.60 -23.45
CA ALA D 51 7.77 17.87 -24.19
C ALA D 51 7.46 18.29 -25.62
N SER D 52 6.35 17.81 -26.18
CA SER D 52 6.01 18.04 -27.58
C SER D 52 4.60 18.54 -27.83
N THR D 53 3.62 18.09 -27.04
CA THR D 53 2.22 18.27 -27.39
C THR D 53 1.77 19.72 -27.23
N LEU D 54 1.01 20.21 -28.20
CA LEU D 54 0.48 21.56 -28.21
C LEU D 54 -0.81 21.63 -27.42
N GLU D 55 -1.03 22.76 -26.75
CA GLU D 55 -2.26 22.99 -26.01
C GLU D 55 -3.38 23.39 -26.96
N SER D 56 -4.61 23.07 -26.57
CA SER D 56 -5.78 23.40 -27.37
C SER D 56 -5.94 24.91 -27.51
N GLY D 57 -5.91 25.40 -28.74
CA GLY D 57 -6.13 26.80 -29.03
C GLY D 57 -4.88 27.60 -29.31
N VAL D 58 -3.71 27.10 -28.97
CA VAL D 58 -2.45 27.77 -29.28
C VAL D 58 -2.20 27.62 -30.77
N PRO D 59 -1.78 28.68 -31.46
CA PRO D 59 -1.46 28.56 -32.89
C PRO D 59 -0.42 27.46 -33.13
N SER D 60 -0.46 26.90 -34.34
CA SER D 60 0.41 25.80 -34.69
C SER D 60 1.84 26.24 -34.96
N ARG D 61 2.19 27.49 -34.63
CA ARG D 61 3.55 27.95 -34.87
C ARG D 61 4.53 27.30 -33.90
N PHE D 62 4.18 27.25 -32.62
CA PHE D 62 5.11 26.77 -31.62
C PHE D 62 5.27 25.25 -31.70
N SER D 63 6.43 24.75 -31.31
CA SER D 63 6.78 23.34 -31.43
C SER D 63 7.79 22.98 -30.36
N GLY D 64 7.36 22.18 -29.39
CA GLY D 64 8.29 21.65 -28.41
C GLY D 64 8.97 20.38 -28.90
N SER D 65 10.15 20.10 -28.34
CA SER D 65 10.90 18.91 -28.73
C SER D 65 11.93 18.61 -27.66
N GLY D 66 12.37 17.34 -27.65
CA GLY D 66 13.41 16.90 -26.74
C GLY D 66 12.85 16.24 -25.49
N SER D 67 13.72 15.48 -24.83
CA SER D 67 13.37 14.82 -23.58
C SER D 67 14.66 14.49 -22.84
N GLY D 68 14.53 14.24 -21.54
CA GLY D 68 15.70 13.99 -20.72
C GLY D 68 16.11 15.23 -19.95
N THR D 69 17.19 15.86 -20.43
CA THR D 69 17.62 17.12 -19.82
C THR D 69 17.44 18.29 -20.80
N ASP D 70 17.98 18.16 -22.00
CA ASP D 70 18.02 19.26 -22.97
C ASP D 70 16.73 19.26 -23.79
N PHE D 71 15.85 20.23 -23.50
CA PHE D 71 14.62 20.42 -24.25
C PHE D 71 14.82 21.56 -25.25
N THR D 72 13.77 21.85 -26.02
CA THR D 72 13.84 22.88 -27.05
C THR D 72 12.43 23.34 -27.42
N LEU D 73 12.27 24.64 -27.62
CA LEU D 73 11.04 25.23 -28.11
C LEU D 73 11.33 26.07 -29.34
N THR D 74 10.63 25.79 -30.43
CA THR D 74 10.79 26.52 -31.68
C THR D 74 9.51 27.32 -31.95
N ILE D 75 9.66 28.56 -32.37
CA ILE D 75 8.53 29.39 -32.77
C ILE D 75 8.62 29.55 -34.29
N SER D 76 7.65 28.97 -35.00
CA SER D 76 7.77 28.86 -36.45
C SER D 76 7.64 30.22 -37.12
N SER D 77 6.48 30.85 -36.99
CA SER D 77 6.20 32.11 -37.68
C SER D 77 6.07 33.21 -36.65
N LEU D 78 6.97 34.20 -36.74
CA LEU D 78 6.92 35.30 -35.78
C LEU D 78 5.82 36.29 -36.16
N GLN D 79 5.22 36.87 -35.14
CA GLN D 79 4.10 37.79 -35.31
C GLN D 79 4.27 38.92 -34.31
N PRO D 80 3.41 39.95 -34.37
CA PRO D 80 3.42 40.92 -33.27
C PRO D 80 2.93 40.33 -31.96
N GLU D 81 2.08 39.31 -32.01
CA GLU D 81 1.60 38.69 -30.78
C GLU D 81 2.64 37.74 -30.18
N ASP D 82 3.67 37.39 -30.94
CA ASP D 82 4.63 36.38 -30.48
C ASP D 82 5.53 36.93 -29.38
N PHE D 83 5.92 38.19 -29.48
CA PHE D 83 6.92 38.74 -28.55
C PHE D 83 6.37 38.83 -27.14
N ALA D 84 6.94 38.03 -26.25
CA ALA D 84 6.57 37.99 -24.84
C ALA D 84 7.70 37.26 -24.10
N THR D 85 7.51 36.93 -22.83
CA THR D 85 8.55 36.23 -22.08
C THR D 85 8.15 34.78 -21.86
N TYR D 86 9.08 33.86 -22.15
CA TYR D 86 8.80 32.43 -22.17
C TYR D 86 9.50 31.74 -21.00
N TYR D 87 8.71 30.97 -20.24
CA TYR D 87 9.22 30.21 -19.11
C TYR D 87 9.00 28.73 -19.35
N CYS D 88 9.69 27.89 -18.58
CA CYS D 88 9.59 26.44 -18.69
C CYS D 88 9.44 25.84 -17.30
N LEU D 89 8.52 24.89 -17.16
CA LEU D 89 8.16 24.32 -15.86
C LEU D 89 8.35 22.82 -15.87
N GLN D 90 9.14 22.31 -14.93
CA GLN D 90 9.26 20.87 -14.72
C GLN D 90 8.34 20.46 -13.57
N TYR D 91 7.55 19.41 -13.78
CA TYR D 91 6.69 18.87 -12.74
C TYR D 91 7.03 17.42 -12.41
N ASN D 92 8.25 16.99 -12.68
CA ASN D 92 8.68 15.65 -12.29
C ASN D 92 8.66 15.49 -10.78
N ASN D 93 9.48 16.27 -10.07
CA ASN D 93 9.50 16.27 -8.61
C ASN D 93 8.83 17.53 -8.12
N TYR D 94 8.20 17.44 -6.94
CA TYR D 94 7.08 18.32 -6.66
C TYR D 94 7.43 19.78 -6.35
N PRO D 95 8.58 20.12 -5.77
CA PRO D 95 8.92 21.55 -5.74
C PRO D 95 9.19 22.05 -7.14
N PHE D 96 8.12 22.31 -7.89
CA PHE D 96 8.23 22.72 -9.28
C PHE D 96 9.07 23.99 -9.40
N THR D 97 9.90 24.04 -10.43
CA THR D 97 10.80 25.16 -10.66
C THR D 97 10.64 25.67 -12.07
N PHE D 98 10.06 26.86 -12.21
CA PHE D 98 10.10 27.56 -13.48
C PHE D 98 11.54 27.92 -13.82
N GLY D 99 11.74 28.36 -15.06
CA GLY D 99 13.03 28.83 -15.48
C GLY D 99 13.21 30.30 -15.15
N PRO D 100 14.40 30.84 -15.40
CA PRO D 100 14.61 32.27 -15.17
C PRO D 100 13.88 33.14 -16.18
N GLY D 101 13.55 32.60 -17.33
CA GLY D 101 12.79 33.35 -18.30
C GLY D 101 13.61 33.69 -19.53
N THR D 102 12.90 34.03 -20.60
CA THR D 102 13.53 34.47 -21.85
C THR D 102 12.66 35.54 -22.47
N ARG D 103 13.23 36.72 -22.68
CA ARG D 103 12.52 37.84 -23.28
C ARG D 103 12.74 37.82 -24.78
N LEU D 104 11.67 38.01 -25.54
CA LEU D 104 11.72 38.00 -26.99
C LEU D 104 11.23 39.34 -27.51
N ASP D 105 12.02 39.97 -28.37
CA ASP D 105 11.71 41.29 -28.91
C ASP D 105 11.85 41.27 -30.42
N ILE D 106 11.30 42.30 -31.07
CA ILE D 106 11.44 42.44 -32.51
C ILE D 106 12.78 43.09 -32.83
N LYS D 107 13.47 42.53 -33.83
CA LYS D 107 14.75 43.09 -34.25
C LYS D 107 14.54 44.38 -35.04
N ASN E 1 25.96 4.75 23.69
CA ASN E 1 25.00 4.12 22.77
C ASN E 1 24.06 5.15 22.15
N LEU E 2 24.12 5.29 20.83
CA LEU E 2 23.27 6.19 20.09
C LEU E 2 22.20 5.39 19.36
N CYS E 3 20.93 5.76 19.57
CA CYS E 3 19.83 5.01 19.00
C CYS E 3 19.94 5.00 17.47
N PRO E 4 19.66 3.87 16.83
CA PRO E 4 19.95 3.70 15.39
C PRO E 4 18.83 4.18 14.48
N PHE E 5 18.51 5.46 14.57
CA PHE E 5 17.49 6.03 13.70
C PHE E 5 17.97 6.13 12.26
N GLY E 6 19.28 6.01 12.04
CA GLY E 6 19.83 6.31 10.73
C GLY E 6 19.45 5.29 9.66
N GLU E 7 19.29 4.03 10.03
CA GLU E 7 18.87 3.03 9.06
C GLU E 7 17.37 2.80 9.11
N VAL E 8 16.69 3.35 10.13
CA VAL E 8 15.24 3.30 10.16
C VAL E 8 14.65 4.36 9.23
N PHE E 9 15.13 5.60 9.36
CA PHE E 9 14.64 6.67 8.49
C PHE E 9 15.23 6.56 7.09
N ASN E 10 16.52 6.29 6.99
CA ASN E 10 17.22 6.29 5.70
C ASN E 10 17.42 4.87 5.19
N ALA E 11 16.43 3.99 5.38
CA ALA E 11 16.49 2.67 4.78
C ALA E 11 16.37 2.79 3.27
N THR E 12 17.02 1.85 2.56
CA THR E 12 17.05 1.94 1.11
C THR E 12 15.72 1.53 0.50
N ARG E 13 14.93 0.72 1.20
CA ARG E 13 13.61 0.32 0.76
C ARG E 13 12.69 0.15 1.96
N PHE E 14 11.52 0.77 1.91
CA PHE E 14 10.50 0.58 2.92
C PHE E 14 9.55 -0.53 2.52
N ALA E 15 8.81 -1.02 3.51
CA ALA E 15 7.86 -2.10 3.30
C ALA E 15 6.60 -1.57 2.63
N SER E 16 5.62 -2.45 2.51
CA SER E 16 4.27 -2.04 2.14
C SER E 16 3.52 -1.66 3.41
N VAL E 17 2.30 -1.17 3.24
CA VAL E 17 1.55 -0.70 4.40
C VAL E 17 0.81 -1.84 5.07
N TYR E 18 0.59 -2.95 4.36
CA TYR E 18 -0.03 -4.11 4.99
C TYR E 18 1.00 -4.94 5.74
N ALA E 19 2.16 -5.18 5.11
CA ALA E 19 3.29 -5.85 5.75
C ALA E 19 4.32 -4.84 6.22
N TRP E 20 3.94 -4.02 7.20
CA TRP E 20 4.82 -2.94 7.64
C TRP E 20 5.90 -3.46 8.58
N ASN E 21 7.09 -2.87 8.47
CA ASN E 21 8.18 -3.22 9.37
C ASN E 21 7.95 -2.61 10.76
N ARG E 22 8.61 -3.20 11.75
CA ARG E 22 8.75 -2.60 13.06
C ARG E 22 10.20 -2.78 13.50
N LYS E 23 10.65 -1.94 14.43
CA LYS E 23 11.98 -2.07 14.99
C LYS E 23 11.95 -1.68 16.46
N ARG E 24 12.53 -2.54 17.30
CA ARG E 24 12.70 -2.25 18.71
C ARG E 24 14.00 -1.47 18.89
N ILE E 25 13.95 -0.44 19.71
CA ILE E 25 15.08 0.44 19.96
C ILE E 25 15.24 0.58 21.47
N SER E 26 16.32 0.03 22.01
CA SER E 26 16.54 0.02 23.44
C SER E 26 18.03 0.29 23.71
N ASN E 27 18.31 0.63 24.96
CA ASN E 27 19.69 0.76 25.46
C ASN E 27 20.50 1.75 24.63
N CYS E 28 20.00 2.98 24.51
CA CYS E 28 20.67 4.00 23.71
C CYS E 28 20.14 5.38 24.04
N VAL E 29 20.92 6.39 23.66
CA VAL E 29 20.59 7.79 23.88
C VAL E 29 20.19 8.40 22.55
N ALA E 30 18.95 8.90 22.48
CA ALA E 30 18.39 9.45 21.24
C ALA E 30 18.06 10.91 21.44
N ASP E 31 18.46 11.75 20.49
CA ASP E 31 18.16 13.17 20.50
C ASP E 31 17.01 13.41 19.51
N TYR E 32 15.82 13.63 20.04
CA TYR E 32 14.65 13.78 19.18
C TYR E 32 14.59 15.16 18.55
N SER E 33 15.24 16.15 19.17
CA SER E 33 15.22 17.50 18.63
C SER E 33 16.05 17.60 17.36
N VAL E 34 17.03 16.71 17.19
CA VAL E 34 17.83 16.71 15.98
C VAL E 34 17.02 16.14 14.81
N LEU E 35 16.06 15.26 15.11
CA LEU E 35 15.10 14.82 14.10
C LEU E 35 14.09 15.92 13.80
N TYR E 36 13.48 16.47 14.86
CA TYR E 36 12.45 17.49 14.68
C TYR E 36 12.98 18.69 13.92
N ASN E 37 14.27 18.98 14.02
CA ASN E 37 14.88 20.08 13.32
C ASN E 37 15.53 19.67 12.00
N SER E 38 15.17 18.50 11.46
CA SER E 38 15.61 18.15 10.12
C SER E 38 14.87 18.98 9.07
N ALA E 39 13.59 19.27 9.33
CA ALA E 39 12.76 20.13 8.49
C ALA E 39 12.66 19.60 7.06
N SER E 40 13.05 18.35 6.84
CA SER E 40 12.89 17.69 5.56
C SER E 40 11.66 16.79 5.54
N PHE E 41 10.77 16.94 6.51
CA PHE E 41 9.58 16.11 6.62
C PHE E 41 8.35 16.96 6.32
N SER E 42 7.42 16.40 5.55
CA SER E 42 6.15 17.07 5.34
C SER E 42 5.34 17.12 6.62
N THR E 43 5.28 16.01 7.33
CA THR E 43 4.45 15.88 8.52
C THR E 43 5.30 15.43 9.69
N PHE E 44 5.12 16.07 10.84
CA PHE E 44 5.72 15.63 12.10
C PHE E 44 4.72 15.95 13.19
N LYS E 45 3.91 14.96 13.58
CA LYS E 45 2.84 15.20 14.54
C LYS E 45 3.02 14.27 15.73
N CYS E 46 3.19 14.84 16.91
CA CYS E 46 3.36 14.06 18.13
C CYS E 46 2.06 14.07 18.93
N TYR E 47 1.61 12.87 19.31
CA TYR E 47 0.38 12.66 20.07
C TYR E 47 0.75 12.07 21.42
N GLY E 48 -0.02 12.42 22.44
CA GLY E 48 0.19 11.89 23.77
C GLY E 48 1.39 12.44 24.50
N VAL E 49 2.34 13.04 23.79
CA VAL E 49 3.52 13.64 24.40
C VAL E 49 3.97 14.80 23.52
N SER E 50 4.48 15.84 24.15
CA SER E 50 4.87 17.05 23.46
C SER E 50 6.35 16.98 23.07
N PRO E 51 6.72 17.41 21.87
CA PRO E 51 8.14 17.54 21.55
C PRO E 51 8.77 18.64 22.39
N THR E 52 10.10 18.74 22.30
CA THR E 52 10.93 19.63 23.12
C THR E 52 10.98 19.09 24.54
N LYS E 53 10.18 18.05 24.81
CA LYS E 53 10.18 17.34 26.08
C LYS E 53 10.72 15.93 25.96
N LEU E 54 10.88 15.42 24.74
CA LEU E 54 11.34 14.05 24.56
C LEU E 54 12.75 13.85 25.09
N ASN E 55 13.50 14.95 25.26
CA ASN E 55 14.80 14.87 25.91
C ASN E 55 14.70 14.91 27.41
N ASP E 56 13.52 15.20 27.97
CA ASP E 56 13.31 15.25 29.41
C ASP E 56 12.42 14.11 29.90
N LEU E 57 12.11 13.14 29.05
CA LEU E 57 11.31 11.99 29.42
C LEU E 57 12.09 10.72 29.12
N CYS E 58 11.76 9.65 29.83
CA CYS E 58 12.56 8.44 29.77
C CYS E 58 11.62 7.24 29.82
N PHE E 59 11.73 6.35 28.82
CA PHE E 59 10.78 5.27 28.61
C PHE E 59 11.48 3.92 28.62
N THR E 60 10.67 2.87 28.83
CA THR E 60 11.21 1.51 28.81
C THR E 60 11.69 1.13 27.41
N ASN E 61 10.81 1.24 26.42
CA ASN E 61 11.10 0.84 25.06
C ASN E 61 10.47 1.82 24.09
N VAL E 62 11.04 1.91 22.89
CA VAL E 62 10.45 2.66 21.79
C VAL E 62 10.54 1.83 20.53
N TYR E 63 9.57 2.03 19.64
CA TYR E 63 9.42 1.22 18.44
C TYR E 63 9.23 2.14 17.24
N ALA E 64 9.84 1.80 16.11
CA ALA E 64 9.79 2.61 14.91
C ALA E 64 9.22 1.80 13.75
N ASP E 65 8.00 2.14 13.33
CA ASP E 65 7.32 1.43 12.25
C ASP E 65 7.48 2.21 10.95
N SER E 66 7.79 1.51 9.86
CA SER E 66 8.09 2.13 8.59
C SER E 66 7.20 1.57 7.50
N PHE E 67 6.55 2.46 6.75
CA PHE E 67 5.72 2.01 5.62
C PHE E 67 5.45 3.17 4.68
N VAL E 68 5.09 2.84 3.44
CA VAL E 68 4.83 3.84 2.41
C VAL E 68 3.34 3.82 2.07
N ILE E 69 2.76 5.00 1.90
CA ILE E 69 1.36 5.17 1.52
C ILE E 69 1.26 6.25 0.46
N ARG E 70 0.03 6.60 0.11
CA ARG E 70 -0.17 7.78 -0.73
C ARG E 70 -0.41 9.00 0.13
N GLY E 71 -0.15 10.17 -0.44
CA GLY E 71 -0.17 11.41 0.33
C GLY E 71 -1.49 11.67 1.03
N ASP E 72 -2.61 11.28 0.40
CA ASP E 72 -3.91 11.61 0.97
C ASP E 72 -4.29 10.72 2.14
N GLU E 73 -3.50 9.71 2.47
CA GLU E 73 -3.81 8.78 3.54
C GLU E 73 -3.03 9.06 4.83
N VAL E 74 -2.03 9.92 4.78
CA VAL E 74 -1.29 10.29 5.99
C VAL E 74 -2.22 10.93 7.01
N ARG E 75 -3.37 11.45 6.56
CA ARG E 75 -4.38 11.92 7.49
C ARG E 75 -4.96 10.78 8.31
N GLN E 76 -4.85 9.55 7.81
CA GLN E 76 -5.45 8.41 8.49
C GLN E 76 -4.52 7.81 9.54
N ILE E 77 -3.23 8.11 9.46
CA ILE E 77 -2.29 7.62 10.47
C ILE E 77 -2.37 8.56 11.67
N ALA E 78 -3.31 8.28 12.57
CA ALA E 78 -3.57 9.12 13.73
C ALA E 78 -4.60 8.42 14.61
N PRO E 79 -4.62 8.70 15.90
CA PRO E 79 -5.63 8.09 16.76
C PRO E 79 -7.03 8.52 16.37
N GLY E 80 -7.94 7.55 16.34
CA GLY E 80 -9.34 7.83 16.11
C GLY E 80 -9.75 8.03 14.68
N GLN E 81 -8.92 7.62 13.71
CA GLN E 81 -9.27 7.77 12.31
C GLN E 81 -10.06 6.56 11.82
N THR E 82 -10.57 6.68 10.58
CA THR E 82 -11.31 5.61 9.92
C THR E 82 -11.07 5.69 8.42
N GLY E 83 -10.83 4.54 7.81
CA GLY E 83 -10.54 4.47 6.40
C GLY E 83 -10.13 3.06 6.02
N LYS E 84 -9.57 2.92 4.83
CA LYS E 84 -9.04 1.62 4.43
C LYS E 84 -7.59 1.43 4.84
N ILE E 85 -7.05 2.32 5.65
CA ILE E 85 -5.75 2.14 6.28
C ILE E 85 -5.89 1.97 7.79
N ALA E 86 -6.75 2.80 8.40
CA ALA E 86 -6.97 2.70 9.84
C ALA E 86 -7.77 1.45 10.20
N ASP E 87 -8.42 0.84 9.21
CA ASP E 87 -9.23 -0.34 9.50
C ASP E 87 -8.55 -1.63 9.08
N TYR E 88 -7.82 -1.61 7.97
CA TYR E 88 -7.36 -2.84 7.34
C TYR E 88 -5.84 -2.98 7.25
N ASN E 89 -5.08 -1.89 7.35
CA ASN E 89 -3.63 -1.96 7.18
C ASN E 89 -2.85 -1.60 8.43
N TYR E 90 -3.09 -0.42 9.01
CA TYR E 90 -2.33 0.04 10.15
C TYR E 90 -3.24 0.84 11.06
N LYS E 91 -3.48 0.33 12.26
CA LYS E 91 -4.37 0.97 13.22
C LYS E 91 -3.56 1.43 14.43
N LEU E 92 -3.76 2.69 14.83
CA LEU E 92 -3.17 3.30 16.00
C LEU E 92 -4.21 3.42 17.11
N PRO E 93 -3.82 3.19 18.36
CA PRO E 93 -4.80 3.16 19.45
C PRO E 93 -5.28 4.55 19.82
N ASP E 94 -6.35 4.59 20.62
CA ASP E 94 -6.86 5.86 21.13
C ASP E 94 -5.94 6.47 22.16
N ASP E 95 -5.04 5.67 22.75
CA ASP E 95 -4.12 6.13 23.79
C ASP E 95 -2.70 6.31 23.27
N PHE E 96 -2.56 6.77 22.03
CA PHE E 96 -1.24 6.81 21.42
C PHE E 96 -0.31 7.78 22.14
N THR E 97 0.94 7.37 22.30
CA THR E 97 1.99 8.21 22.84
C THR E 97 3.20 8.06 21.93
N GLY E 98 3.34 8.95 20.96
CA GLY E 98 4.39 8.83 19.99
C GLY E 98 4.36 9.98 19.01
N CYS E 99 4.95 9.74 17.84
CA CYS E 99 5.04 10.75 16.79
C CYS E 99 5.02 10.11 15.42
N VAL E 100 4.16 10.63 14.55
CA VAL E 100 4.06 10.21 13.16
C VAL E 100 4.87 11.20 12.33
N ILE E 101 5.88 10.68 11.62
CA ILE E 101 6.68 11.45 10.68
C ILE E 101 6.32 10.96 9.29
N ALA E 102 6.29 11.88 8.33
CA ALA E 102 5.96 11.51 6.95
C ALA E 102 6.62 12.49 6.00
N TRP E 103 7.11 11.96 4.88
CA TRP E 103 7.75 12.82 3.89
C TRP E 103 7.59 12.24 2.50
N ASN E 104 7.43 13.14 1.53
CA ASN E 104 7.29 12.76 0.12
C ASN E 104 8.50 11.96 -0.34
N SER E 105 8.25 10.90 -1.11
CA SER E 105 9.32 10.07 -1.63
C SER E 105 9.14 9.76 -3.11
N ASN E 106 8.62 10.70 -3.89
CA ASN E 106 8.36 10.46 -5.31
C ASN E 106 9.66 10.19 -6.07
N ASN E 107 10.81 10.55 -5.49
CA ASN E 107 12.08 10.33 -6.16
C ASN E 107 12.46 8.85 -6.12
N LEU E 108 12.27 8.20 -4.97
CA LEU E 108 12.75 6.84 -4.79
C LEU E 108 11.71 5.81 -5.19
N ASP E 109 10.47 6.00 -4.75
CA ASP E 109 9.44 4.95 -4.80
C ASP E 109 8.43 5.15 -5.92
N SER E 110 8.87 5.60 -7.09
CA SER E 110 7.99 5.79 -8.24
C SER E 110 8.75 5.52 -9.52
N LYS E 111 8.10 4.84 -10.45
CA LYS E 111 8.71 4.47 -11.72
C LYS E 111 7.84 4.97 -12.87
N VAL E 112 8.45 5.06 -14.05
CA VAL E 112 7.76 5.64 -15.21
C VAL E 112 6.53 4.82 -15.57
N GLY E 113 6.69 3.51 -15.75
CA GLY E 113 5.55 2.68 -16.07
C GLY E 113 4.70 2.33 -14.86
N GLY E 114 5.23 2.58 -13.67
CA GLY E 114 4.54 2.28 -12.44
C GLY E 114 5.39 1.39 -11.55
N ASN E 115 5.17 1.50 -10.24
CA ASN E 115 5.87 0.69 -9.25
C ASN E 115 4.84 -0.12 -8.49
N TYR E 116 4.72 -1.39 -8.84
CA TYR E 116 3.71 -2.27 -8.25
C TYR E 116 4.23 -3.05 -7.05
N ASN E 117 5.40 -2.67 -6.51
CA ASN E 117 5.94 -3.37 -5.35
C ASN E 117 5.18 -3.01 -4.08
N TYR E 118 4.52 -1.85 -4.07
CA TYR E 118 3.88 -1.35 -2.87
C TYR E 118 2.39 -1.65 -2.90
N LEU E 119 1.93 -2.41 -1.92
CA LEU E 119 0.57 -2.96 -1.92
C LEU E 119 -0.19 -2.43 -0.72
N TYR E 120 -1.50 -2.63 -0.75
CA TYR E 120 -2.35 -2.36 0.39
C TYR E 120 -3.53 -3.33 0.37
N ARG E 121 -3.98 -3.71 1.55
CA ARG E 121 -5.08 -4.66 1.70
C ARG E 121 -6.39 -3.91 1.48
N LEU E 122 -7.15 -4.32 0.47
CA LEU E 122 -8.37 -3.60 0.11
C LEU E 122 -9.57 -4.11 0.91
N PHE E 123 -9.73 -5.42 1.00
CA PHE E 123 -10.83 -6.03 1.75
C PHE E 123 -10.28 -6.80 2.93
N ARG E 124 -11.05 -6.84 4.02
CA ARG E 124 -10.69 -7.64 5.18
C ARG E 124 -11.94 -7.92 5.99
N LYS E 125 -11.95 -9.08 6.65
CA LYS E 125 -13.15 -9.54 7.33
C LYS E 125 -13.56 -8.60 8.46
N SER E 126 -12.59 -8.02 9.16
CA SER E 126 -12.89 -7.13 10.26
C SER E 126 -11.74 -6.13 10.44
N ASN E 127 -12.02 -5.11 11.24
CA ASN E 127 -11.05 -4.05 11.48
C ASN E 127 -9.85 -4.59 12.25
N LEU E 128 -8.66 -4.09 11.91
CA LEU E 128 -7.47 -4.40 12.68
C LEU E 128 -7.62 -3.86 14.10
N LYS E 129 -6.98 -4.54 15.05
CA LYS E 129 -6.86 -4.01 16.40
C LYS E 129 -5.56 -3.23 16.52
N PRO E 130 -5.47 -2.31 17.48
CA PRO E 130 -4.30 -1.43 17.57
C PRO E 130 -2.98 -2.17 17.48
N PHE E 131 -2.22 -1.85 16.43
CA PHE E 131 -0.88 -2.33 16.12
C PHE E 131 -0.87 -3.77 15.61
N GLU E 132 -2.02 -4.35 15.29
CA GLU E 132 -2.07 -5.69 14.72
C GLU E 132 -1.53 -5.67 13.30
N ARG E 133 -1.12 -6.85 12.82
CA ARG E 133 -0.55 -7.01 11.49
C ARG E 133 -1.19 -8.20 10.81
N ASP E 134 -1.39 -8.09 9.51
CA ASP E 134 -2.08 -9.11 8.72
C ASP E 134 -1.41 -9.20 7.35
N ILE E 135 -0.69 -10.30 7.11
CA ILE E 135 0.01 -10.48 5.85
C ILE E 135 -0.52 -11.68 5.08
N SER E 136 -1.70 -12.18 5.43
CA SER E 136 -2.29 -13.28 4.68
C SER E 136 -2.89 -12.79 3.38
N THR E 137 -2.79 -13.61 2.34
CA THR E 137 -3.36 -13.32 1.04
C THR E 137 -4.49 -14.28 0.68
N GLU E 138 -5.24 -14.74 1.68
CA GLU E 138 -6.33 -15.67 1.41
C GLU E 138 -7.45 -14.97 0.67
N ILE E 139 -8.01 -15.67 -0.33
CA ILE E 139 -9.07 -15.09 -1.16
C ILE E 139 -10.24 -14.67 -0.29
N TYR E 140 -10.65 -13.42 -0.44
CA TYR E 140 -11.72 -12.85 0.38
C TYR E 140 -13.08 -13.33 -0.12
N GLN E 141 -13.88 -13.89 0.78
CA GLN E 141 -15.21 -14.39 0.46
C GLN E 141 -16.22 -13.26 0.70
N ALA E 142 -16.77 -12.73 -0.39
CA ALA E 142 -17.69 -11.61 -0.32
C ALA E 142 -19.15 -12.03 -0.32
N GLY E 143 -19.45 -13.32 -0.43
CA GLY E 143 -20.83 -13.78 -0.43
C GLY E 143 -21.10 -14.93 0.53
N SER E 144 -21.93 -15.88 0.09
CA SER E 144 -22.37 -16.98 0.95
C SER E 144 -21.65 -18.29 0.67
N THR E 145 -20.94 -18.40 -0.45
CA THR E 145 -20.30 -19.65 -0.80
C THR E 145 -18.79 -19.54 -0.61
N PRO E 146 -18.14 -20.58 -0.09
CA PRO E 146 -16.71 -20.46 0.23
C PRO E 146 -15.87 -20.30 -1.03
N CYS E 147 -14.75 -19.61 -0.88
CA CYS E 147 -13.80 -19.38 -1.96
C CYS E 147 -12.54 -20.18 -1.62
N ASN E 148 -12.48 -21.41 -2.11
CA ASN E 148 -11.40 -22.34 -1.74
C ASN E 148 -10.13 -21.98 -2.51
N GLY E 149 -9.65 -20.76 -2.25
CA GLY E 149 -8.43 -20.28 -2.85
C GLY E 149 -8.50 -19.99 -4.34
N VAL E 150 -9.70 -19.96 -4.92
CA VAL E 150 -9.88 -19.77 -6.36
C VAL E 150 -10.72 -18.52 -6.58
N GLU E 151 -10.33 -17.74 -7.58
CA GLU E 151 -10.94 -16.42 -7.80
C GLU E 151 -12.21 -16.53 -8.64
N GLY E 152 -12.95 -15.43 -8.70
CA GLY E 152 -14.15 -15.36 -9.53
C GLY E 152 -14.98 -14.18 -9.09
N PHE E 153 -16.18 -14.08 -9.65
CA PHE E 153 -17.20 -13.25 -9.03
C PHE E 153 -17.31 -13.68 -7.58
N ASN E 154 -17.55 -12.71 -6.69
CA ASN E 154 -17.86 -12.92 -5.28
C ASN E 154 -16.62 -13.31 -4.46
N CYS E 155 -15.46 -13.52 -5.10
CA CYS E 155 -14.24 -13.93 -4.40
C CYS E 155 -13.08 -13.12 -4.92
N TYR E 156 -12.42 -12.37 -4.04
CA TYR E 156 -11.48 -11.34 -4.45
C TYR E 156 -10.10 -11.58 -3.86
N PHE E 157 -9.08 -11.36 -4.68
CA PHE E 157 -7.72 -11.21 -4.17
C PHE E 157 -7.65 -9.91 -3.37
N PRO E 158 -7.37 -9.97 -2.06
CA PRO E 158 -7.59 -8.78 -1.22
C PRO E 158 -6.59 -7.66 -1.46
N LEU E 159 -5.32 -7.96 -1.67
CA LEU E 159 -4.35 -6.90 -1.83
C LEU E 159 -4.48 -6.24 -3.20
N GLN E 160 -3.94 -5.03 -3.31
CA GLN E 160 -3.87 -4.33 -4.58
C GLN E 160 -2.78 -3.28 -4.52
N SER E 161 -2.20 -2.97 -5.67
CA SER E 161 -1.02 -2.12 -5.75
C SER E 161 -1.41 -0.65 -5.82
N TYR E 162 -0.49 0.22 -5.42
CA TYR E 162 -0.68 1.66 -5.58
C TYR E 162 -0.39 2.11 -6.99
N GLY E 163 0.59 1.50 -7.64
CA GLY E 163 0.95 1.90 -8.99
C GLY E 163 1.52 3.30 -9.07
N PHE E 164 2.49 3.61 -8.21
CA PHE E 164 3.05 4.95 -8.15
C PHE E 164 3.74 5.30 -9.47
N GLN E 165 3.62 6.56 -9.87
CA GLN E 165 4.20 7.08 -11.10
C GLN E 165 4.73 8.47 -10.82
N PRO E 166 5.73 8.93 -11.58
CA PRO E 166 6.38 10.20 -11.20
C PRO E 166 5.47 11.41 -11.32
N THR E 167 4.40 11.30 -12.11
CA THR E 167 3.52 12.43 -12.40
C THR E 167 2.11 12.25 -11.86
N ASN E 168 1.92 11.36 -10.89
CA ASN E 168 0.62 11.30 -10.22
C ASN E 168 0.37 12.60 -9.47
N GLY E 169 -0.86 12.76 -8.99
CA GLY E 169 -1.20 13.93 -8.21
C GLY E 169 -0.36 14.02 -6.94
N VAL E 170 -0.57 15.09 -6.18
CA VAL E 170 0.21 15.24 -4.95
C VAL E 170 -0.40 14.42 -3.83
N GLY E 171 -1.67 14.06 -3.97
CA GLY E 171 -2.31 13.17 -3.03
C GLY E 171 -2.33 11.73 -3.47
N TYR E 172 -1.68 11.42 -4.58
CA TYR E 172 -1.54 10.06 -5.07
C TYR E 172 -0.06 9.72 -5.28
N GLN E 173 0.81 10.37 -4.52
CA GLN E 173 2.25 10.22 -4.64
C GLN E 173 2.81 9.54 -3.40
N PRO E 174 3.93 8.83 -3.52
CA PRO E 174 4.43 8.05 -2.38
C PRO E 174 4.86 8.94 -1.23
N TYR E 175 4.49 8.52 -0.02
CA TYR E 175 4.87 9.16 1.22
C TYR E 175 5.40 8.10 2.16
N ARG E 176 6.65 8.27 2.61
CA ARG E 176 7.25 7.38 3.58
C ARG E 176 6.87 7.87 4.97
N VAL E 177 6.39 6.94 5.80
CA VAL E 177 5.84 7.25 7.11
C VAL E 177 6.55 6.40 8.15
N VAL E 178 7.01 7.04 9.21
CA VAL E 178 7.69 6.41 10.32
C VAL E 178 6.97 6.80 11.60
N VAL E 179 6.43 5.81 12.29
CA VAL E 179 5.67 6.01 13.51
C VAL E 179 6.51 5.57 14.69
N LEU E 180 6.92 6.52 15.52
CA LEU E 180 7.64 6.26 16.75
C LEU E 180 6.64 6.10 17.88
N SER E 181 6.76 5.01 18.62
CA SER E 181 5.91 4.74 19.77
C SER E 181 6.78 4.57 21.00
N PHE E 182 6.29 5.07 22.13
CA PHE E 182 7.00 5.05 23.40
C PHE E 182 6.16 4.29 24.41
N GLU E 183 6.78 3.35 25.13
CA GLU E 183 6.07 2.54 26.11
C GLU E 183 6.64 2.79 27.49
N LEU E 184 5.75 2.92 28.48
CA LEU E 184 6.12 3.14 29.87
C LEU E 184 5.70 1.91 30.67
N LEU E 185 6.64 0.99 30.87
CA LEU E 185 6.36 -0.28 31.53
C LEU E 185 7.13 -0.36 32.83
N HIS E 186 6.64 -1.20 33.74
CA HIS E 186 7.25 -1.37 35.05
C HIS E 186 8.54 -2.17 34.88
N ALA E 187 9.60 -1.46 34.50
CA ALA E 187 10.89 -2.06 34.21
C ALA E 187 11.90 -0.94 34.08
N PRO E 188 13.20 -1.25 34.20
CA PRO E 188 14.21 -0.20 34.05
C PRO E 188 14.20 0.40 32.65
N ALA E 189 14.26 1.73 32.59
CA ALA E 189 14.30 2.45 31.33
C ALA E 189 15.65 2.29 30.66
N THR E 190 15.65 2.00 29.36
CA THR E 190 16.88 1.77 28.61
C THR E 190 17.14 2.80 27.52
N VAL E 191 16.10 3.29 26.85
CA VAL E 191 16.24 4.32 25.82
C VAL E 191 15.81 5.63 26.45
N CYS E 192 16.71 6.62 26.43
CA CYS E 192 16.51 7.81 27.23
C CYS E 192 17.18 8.99 26.54
N GLY E 193 16.62 10.18 26.71
CA GLY E 193 17.12 11.36 26.04
C GLY E 193 18.41 11.86 26.65
N PRO E 194 19.10 12.76 25.93
CA PRO E 194 20.38 13.31 26.40
C PRO E 194 20.21 14.49 27.37
N GLN F 1 -4.05 -12.20 -21.09
CA GLN F 1 -4.87 -12.37 -22.28
C GLN F 1 -5.64 -13.67 -22.21
N VAL F 2 -6.76 -13.66 -21.49
CA VAL F 2 -7.65 -14.81 -21.35
C VAL F 2 -8.81 -14.61 -22.30
N GLN F 3 -9.08 -15.62 -23.13
CA GLN F 3 -10.12 -15.56 -24.14
C GLN F 3 -11.00 -16.79 -24.02
N LEU F 4 -12.30 -16.56 -23.90
CA LEU F 4 -13.28 -17.64 -23.76
C LEU F 4 -14.12 -17.66 -25.03
N GLN F 5 -14.50 -18.85 -25.48
CA GLN F 5 -15.45 -18.98 -26.57
C GLN F 5 -16.51 -20.01 -26.19
N GLU F 6 -17.77 -19.60 -26.20
CA GLU F 6 -18.86 -20.56 -26.04
C GLU F 6 -19.12 -21.25 -27.38
N SER F 7 -19.72 -22.43 -27.31
CA SER F 7 -20.11 -23.16 -28.50
C SER F 7 -21.20 -24.17 -28.15
N GLY F 8 -21.91 -24.62 -29.17
CA GLY F 8 -22.95 -25.60 -28.97
C GLY F 8 -23.85 -25.74 -30.18
N PRO F 9 -25.01 -26.38 -30.00
CA PRO F 9 -25.93 -26.55 -31.12
C PRO F 9 -26.77 -25.30 -31.36
N GLY F 10 -26.97 -24.95 -32.62
CA GLY F 10 -27.72 -23.75 -32.94
C GLY F 10 -29.22 -23.91 -32.76
N LEU F 11 -29.74 -25.08 -33.15
CA LEU F 11 -31.17 -25.35 -33.09
C LEU F 11 -31.40 -26.69 -32.42
N VAL F 12 -32.29 -26.71 -31.43
CA VAL F 12 -32.65 -27.92 -30.71
C VAL F 12 -34.17 -28.01 -30.65
N LYS F 13 -34.68 -29.24 -30.65
CA LYS F 13 -36.12 -29.48 -30.60
C LYS F 13 -36.65 -29.13 -29.22
N PRO F 14 -37.97 -28.98 -29.08
CA PRO F 14 -38.53 -28.56 -27.78
C PRO F 14 -38.44 -29.62 -26.68
N SER F 15 -37.74 -30.73 -26.90
CA SER F 15 -37.52 -31.70 -25.84
C SER F 15 -36.13 -32.31 -25.85
N GLU F 16 -35.24 -31.84 -26.73
CA GLU F 16 -33.91 -32.43 -26.77
C GLU F 16 -32.98 -31.75 -25.77
N THR F 17 -31.83 -32.37 -25.55
CA THR F 17 -30.91 -31.96 -24.50
C THR F 17 -29.89 -30.96 -25.05
N LEU F 18 -29.78 -29.82 -24.39
CA LEU F 18 -28.83 -28.78 -24.78
C LEU F 18 -27.47 -29.04 -24.17
N SER F 19 -26.43 -29.07 -25.00
CA SER F 19 -25.06 -29.31 -24.57
C SER F 19 -24.16 -28.23 -25.13
N LEU F 20 -23.75 -27.29 -24.27
CA LEU F 20 -22.85 -26.21 -24.63
C LEU F 20 -21.48 -26.45 -24.00
N SER F 21 -20.44 -25.94 -24.66
CA SER F 21 -19.07 -26.09 -24.19
C SER F 21 -18.36 -24.76 -24.29
N CYS F 22 -17.71 -24.35 -23.20
CA CYS F 22 -16.92 -23.14 -23.14
C CYS F 22 -15.44 -23.52 -23.20
N ALA F 23 -14.76 -23.06 -24.25
CA ALA F 23 -13.34 -23.30 -24.45
C ALA F 23 -12.56 -22.11 -23.91
N VAL F 24 -11.70 -22.38 -22.94
CA VAL F 24 -10.93 -21.34 -22.27
C VAL F 24 -9.52 -21.31 -22.84
N SER F 25 -8.95 -20.11 -22.97
CA SER F 25 -7.58 -19.94 -23.43
C SER F 25 -6.90 -18.87 -22.60
N GLY F 26 -5.60 -19.06 -22.36
CA GLY F 26 -4.82 -18.10 -21.61
C GLY F 26 -4.95 -18.19 -20.11
N ALA F 27 -5.65 -19.19 -19.59
CA ALA F 27 -5.75 -19.36 -18.14
C ALA F 27 -6.00 -20.82 -17.84
N SER F 28 -5.60 -21.23 -16.64
CA SER F 28 -5.87 -22.58 -16.18
C SER F 28 -7.28 -22.66 -15.59
N ILE F 29 -7.98 -23.74 -15.90
CA ILE F 29 -9.32 -23.95 -15.37
C ILE F 29 -9.29 -23.94 -13.84
N SER F 30 -8.20 -24.41 -13.25
CA SER F 30 -8.16 -24.70 -11.82
C SER F 30 -8.20 -23.43 -10.98
N SER F 31 -8.07 -22.26 -11.62
CA SER F 31 -7.86 -21.03 -10.86
C SER F 31 -9.15 -20.31 -10.51
N TYR F 32 -10.22 -20.50 -11.28
CA TYR F 32 -11.37 -19.60 -11.23
C TYR F 32 -12.66 -20.33 -10.89
N TRP F 33 -13.69 -19.54 -10.59
CA TRP F 33 -15.07 -20.00 -10.44
C TRP F 33 -15.81 -19.67 -11.72
N TRP F 34 -16.02 -20.66 -12.58
CA TRP F 34 -16.56 -20.41 -13.91
C TRP F 34 -18.07 -20.32 -13.84
N ASN F 35 -18.61 -19.16 -14.20
CA ASN F 35 -20.03 -18.88 -14.21
C ASN F 35 -20.60 -19.04 -15.61
N TRP F 36 -21.83 -19.52 -15.67
CA TRP F 36 -22.61 -19.65 -16.89
C TRP F 36 -23.85 -18.77 -16.75
N PHE F 37 -23.99 -17.82 -17.68
CA PHE F 37 -25.10 -16.89 -17.76
C PHE F 37 -25.82 -17.10 -19.08
N ARG F 38 -27.10 -16.71 -19.11
CA ARG F 38 -27.87 -16.68 -20.36
C ARG F 38 -28.71 -15.42 -20.40
N GLN F 39 -29.00 -14.99 -21.63
CA GLN F 39 -29.71 -13.74 -21.90
C GLN F 39 -30.85 -14.02 -22.86
N SER F 40 -32.08 -13.82 -22.39
CA SER F 40 -33.26 -14.02 -23.20
C SER F 40 -33.34 -12.95 -24.29
N PRO F 41 -34.14 -13.16 -25.33
CA PRO F 41 -34.16 -12.21 -26.44
C PRO F 41 -34.66 -10.84 -26.01
N GLY F 42 -33.75 -9.87 -26.03
CA GLY F 42 -34.07 -8.50 -25.66
C GLY F 42 -34.48 -8.34 -24.21
N LYS F 43 -33.71 -8.93 -23.30
CA LYS F 43 -34.01 -8.85 -21.87
C LYS F 43 -32.69 -8.83 -21.11
N GLY F 44 -32.79 -8.91 -19.78
CA GLY F 44 -31.61 -8.93 -18.95
C GLY F 44 -31.00 -10.31 -18.85
N LEU F 45 -29.82 -10.36 -18.23
CA LEU F 45 -29.13 -11.62 -18.07
C LEU F 45 -29.83 -12.51 -17.04
N GLU F 46 -29.42 -13.77 -17.00
CA GLU F 46 -29.80 -14.70 -15.96
C GLU F 46 -28.58 -15.51 -15.57
N TRP F 47 -28.55 -15.93 -14.31
CA TRP F 47 -27.43 -16.70 -13.77
C TRP F 47 -27.81 -18.16 -13.78
N ILE F 48 -27.23 -18.91 -14.72
CA ILE F 48 -27.46 -20.35 -14.77
C ILE F 48 -26.73 -21.03 -13.63
N GLY F 49 -25.43 -20.81 -13.51
CA GLY F 49 -24.73 -21.33 -12.35
C GLY F 49 -23.24 -21.46 -12.57
N LYS F 50 -22.55 -21.84 -11.50
CA LYS F 50 -21.10 -21.82 -11.48
C LYS F 50 -20.53 -23.20 -11.11
N ILE F 51 -19.29 -23.41 -11.53
CA ILE F 51 -18.52 -24.60 -11.17
C ILE F 51 -17.13 -24.16 -10.71
N ASN F 52 -16.64 -24.78 -9.64
CA ASN F 52 -15.28 -24.52 -9.19
C ASN F 52 -14.27 -25.01 -10.23
N GLY F 53 -13.05 -24.48 -10.17
CA GLY F 53 -12.08 -24.78 -11.20
C GLY F 53 -11.20 -25.96 -10.88
N ASN F 54 -10.54 -25.93 -9.73
CA ASN F 54 -9.70 -27.06 -9.33
C ASN F 54 -10.54 -28.20 -8.76
N SER F 55 -11.46 -27.88 -7.85
CA SER F 55 -12.34 -28.84 -7.24
C SER F 55 -13.52 -29.13 -8.16
N GLY F 56 -14.53 -29.82 -7.65
CA GLY F 56 -15.73 -30.11 -8.41
C GLY F 56 -17.00 -29.53 -7.84
N ILE F 57 -16.94 -28.66 -6.83
CA ILE F 57 -18.14 -28.08 -6.26
C ILE F 57 -18.84 -27.24 -7.33
N THR F 58 -20.16 -27.38 -7.41
CA THR F 58 -20.96 -26.70 -8.40
C THR F 58 -22.24 -26.18 -7.77
N TYR F 59 -22.62 -24.96 -8.12
CA TYR F 59 -23.87 -24.36 -7.67
C TYR F 59 -24.72 -24.03 -8.88
N TYR F 60 -26.03 -24.24 -8.76
CA TYR F 60 -26.96 -23.99 -9.85
C TYR F 60 -28.01 -22.98 -9.40
N ASN F 61 -28.79 -22.53 -10.38
CA ASN F 61 -29.96 -21.71 -10.07
C ASN F 61 -31.05 -22.57 -9.48
N PRO F 62 -31.63 -22.18 -8.34
CA PRO F 62 -32.73 -22.98 -7.76
C PRO F 62 -33.90 -23.17 -8.72
N SER F 63 -34.37 -22.09 -9.35
CA SER F 63 -35.51 -22.21 -10.26
C SER F 63 -35.20 -23.10 -11.45
N LEU F 64 -33.94 -23.11 -11.91
CA LEU F 64 -33.56 -23.81 -13.12
C LEU F 64 -32.91 -25.15 -12.83
N LYS F 65 -32.72 -25.50 -11.56
CA LYS F 65 -32.15 -26.78 -11.21
C LYS F 65 -33.09 -27.93 -11.60
N SER F 66 -32.62 -29.15 -11.36
CA SER F 66 -33.32 -30.39 -11.65
C SER F 66 -33.35 -30.65 -13.16
N ARG F 67 -32.85 -29.70 -13.93
CA ARG F 67 -32.68 -29.85 -15.37
C ARG F 67 -31.27 -29.49 -15.82
N LEU F 68 -30.37 -29.24 -14.88
CA LEU F 68 -29.08 -28.61 -15.17
C LEU F 68 -27.94 -29.50 -14.71
N THR F 69 -26.82 -29.42 -15.44
CA THR F 69 -25.57 -30.06 -15.01
C THR F 69 -24.40 -29.30 -15.61
N ILE F 70 -23.58 -28.72 -14.75
CA ILE F 70 -22.36 -28.03 -15.13
C ILE F 70 -21.18 -28.92 -14.78
N SER F 71 -20.28 -29.10 -15.74
CA SER F 71 -19.11 -29.95 -15.54
C SER F 71 -17.92 -29.32 -16.24
N LYS F 72 -16.79 -30.03 -16.22
CA LYS F 72 -15.57 -29.51 -16.83
C LYS F 72 -14.67 -30.65 -17.26
N ASP F 73 -13.66 -30.31 -18.05
CA ASP F 73 -12.57 -31.20 -18.42
C ASP F 73 -11.30 -30.37 -18.37
N ALA F 74 -10.63 -30.39 -17.21
CA ALA F 74 -9.46 -29.53 -17.01
C ALA F 74 -8.33 -29.91 -17.95
N SER F 75 -8.12 -31.22 -18.14
CA SER F 75 -7.11 -31.67 -19.10
C SER F 75 -7.46 -31.22 -20.52
N LYS F 76 -8.75 -31.24 -20.86
CA LYS F 76 -9.18 -30.80 -22.18
C LYS F 76 -9.33 -29.28 -22.26
N LYS F 77 -9.16 -28.58 -21.14
CA LYS F 77 -9.26 -27.11 -21.09
C LYS F 77 -10.66 -26.65 -21.46
N GLN F 78 -11.67 -27.30 -20.86
CA GLN F 78 -13.05 -27.05 -21.27
C GLN F 78 -13.97 -26.99 -20.06
N LEU F 79 -15.06 -26.25 -20.21
CA LEU F 79 -16.19 -26.32 -19.29
C LEU F 79 -17.43 -26.67 -20.10
N SER F 80 -18.46 -27.19 -19.44
CA SER F 80 -19.62 -27.71 -20.14
C SER F 80 -20.89 -27.45 -19.36
N LEU F 81 -21.92 -27.04 -20.08
CA LEU F 81 -23.28 -26.91 -19.55
C LEU F 81 -24.16 -27.90 -20.29
N THR F 82 -25.06 -28.57 -19.57
CA THR F 82 -26.09 -29.36 -20.21
C THR F 82 -27.41 -29.13 -19.50
N LEU F 83 -28.44 -28.84 -20.28
CA LEU F 83 -29.77 -28.57 -19.77
C LEU F 83 -30.75 -29.48 -20.48
N THR F 84 -31.49 -30.27 -19.70
CA THR F 84 -32.37 -31.30 -20.24
C THR F 84 -33.78 -30.76 -20.45
N SER F 85 -34.38 -31.17 -21.57
CA SER F 85 -35.78 -30.84 -21.90
C SER F 85 -36.00 -29.33 -21.95
N VAL F 86 -35.38 -28.69 -22.94
CA VAL F 86 -35.59 -27.26 -23.15
C VAL F 86 -37.00 -27.04 -23.67
N THR F 87 -37.81 -26.33 -22.87
CA THR F 87 -39.25 -26.21 -23.12
C THR F 87 -39.66 -24.74 -23.19
N ALA F 88 -39.63 -24.18 -24.40
CA ALA F 88 -40.30 -22.96 -24.83
C ALA F 88 -39.78 -21.70 -24.12
N ALA F 89 -38.83 -21.82 -23.20
CA ALA F 89 -38.25 -20.66 -22.55
C ALA F 89 -36.73 -20.66 -22.55
N ASP F 90 -36.10 -21.74 -23.01
CA ASP F 90 -34.65 -21.85 -23.05
C ASP F 90 -34.14 -21.42 -24.44
N THR F 91 -34.59 -20.24 -24.86
CA THR F 91 -34.17 -19.63 -26.11
C THR F 91 -33.40 -18.37 -25.77
N ALA F 92 -32.10 -18.36 -26.02
CA ALA F 92 -31.28 -17.30 -25.45
C ALA F 92 -29.88 -17.35 -26.03
N VAL F 93 -29.09 -16.33 -25.70
CA VAL F 93 -27.66 -16.33 -25.98
C VAL F 93 -26.93 -16.64 -24.68
N TYR F 94 -25.89 -17.48 -24.77
CA TYR F 94 -25.25 -18.04 -23.59
C TYR F 94 -23.81 -17.54 -23.49
N PHE F 95 -23.42 -17.14 -22.28
CA PHE F 95 -22.08 -16.65 -21.96
C PHE F 95 -21.45 -17.50 -20.86
N CYS F 96 -20.14 -17.67 -20.94
CA CYS F 96 -19.34 -18.14 -19.81
C CYS F 96 -18.42 -17.02 -19.36
N ALA F 97 -18.27 -16.86 -18.05
CA ALA F 97 -17.53 -15.73 -17.50
C ALA F 97 -16.80 -16.13 -16.22
N THR F 98 -15.90 -15.25 -15.79
CA THR F 98 -15.20 -15.36 -14.52
C THR F 98 -14.48 -14.06 -14.24
N ARG F 99 -14.49 -13.63 -12.99
CA ARG F 99 -13.87 -12.36 -12.58
C ARG F 99 -12.47 -12.62 -12.06
N ASP F 100 -11.51 -11.84 -12.55
CA ASP F 100 -10.10 -12.04 -12.24
C ASP F 100 -9.60 -10.88 -11.39
N GLY F 101 -9.70 -11.01 -10.07
CA GLY F 101 -9.05 -10.07 -9.19
C GLY F 101 -7.54 -10.25 -9.21
N ASN F 102 -6.83 -9.14 -9.10
CA ASN F 102 -5.39 -9.16 -9.36
C ASN F 102 -4.73 -8.03 -8.58
N ILE F 103 -3.44 -7.83 -8.87
CA ILE F 103 -2.69 -6.71 -8.29
C ILE F 103 -2.94 -5.44 -9.08
N VAL F 104 -3.33 -5.58 -10.34
CA VAL F 104 -3.65 -4.46 -11.21
C VAL F 104 -5.12 -4.57 -11.58
N GLY F 105 -5.98 -3.88 -10.83
CA GLY F 105 -7.38 -3.76 -11.19
C GLY F 105 -8.14 -5.09 -11.15
N VAL F 106 -9.28 -5.09 -11.84
CA VAL F 106 -10.18 -6.23 -11.92
C VAL F 106 -10.80 -6.27 -13.30
N ALA F 107 -10.51 -7.34 -14.05
CA ALA F 107 -11.12 -7.58 -15.36
C ALA F 107 -11.85 -8.91 -15.30
N ASP F 108 -13.06 -8.97 -15.86
CA ASP F 108 -13.94 -10.09 -15.55
C ASP F 108 -14.24 -11.01 -16.72
N TYR F 109 -13.41 -11.03 -17.76
CA TYR F 109 -13.27 -12.18 -18.67
C TYR F 109 -14.59 -12.80 -19.09
N TRP F 110 -15.38 -12.02 -19.84
CA TRP F 110 -16.64 -12.55 -20.35
C TRP F 110 -16.41 -13.31 -21.66
N GLY F 111 -17.48 -13.93 -22.15
CA GLY F 111 -17.45 -14.64 -23.42
C GLY F 111 -18.27 -13.93 -24.47
N GLN F 112 -18.32 -14.48 -25.69
CA GLN F 112 -19.05 -13.80 -26.75
C GLN F 112 -20.48 -14.31 -26.86
N GLY F 113 -20.76 -15.47 -26.28
CA GLY F 113 -22.11 -15.99 -26.26
C GLY F 113 -22.47 -16.72 -27.55
N VAL F 114 -23.37 -17.69 -27.43
CA VAL F 114 -23.86 -18.43 -28.58
C VAL F 114 -25.38 -18.55 -28.51
N LEU F 115 -26.00 -18.64 -29.68
CA LEU F 115 -27.46 -18.61 -29.79
C LEU F 115 -28.04 -20.01 -29.67
N VAL F 116 -29.18 -20.13 -29.00
CA VAL F 116 -29.94 -21.38 -28.93
C VAL F 116 -31.43 -21.06 -29.05
N THR F 117 -32.10 -21.75 -29.97
CA THR F 117 -33.54 -21.63 -30.18
C THR F 117 -34.20 -22.93 -29.73
N VAL F 118 -35.46 -22.82 -29.30
CA VAL F 118 -36.15 -24.00 -28.75
C VAL F 118 -37.08 -24.61 -29.78
N SER F 119 -37.67 -23.78 -30.66
CA SER F 119 -38.70 -24.27 -31.56
C SER F 119 -38.08 -24.96 -32.77
N SER F 120 -38.89 -25.79 -33.43
CA SER F 120 -38.45 -26.52 -34.62
C SER F 120 -39.17 -26.01 -35.86
N ASP G 1 -35.19 -14.76 -4.01
CA ASP G 1 -34.57 -14.36 -2.75
C ASP G 1 -34.41 -12.85 -2.67
N VAL G 2 -33.38 -12.33 -3.34
CA VAL G 2 -33.10 -10.90 -3.41
C VAL G 2 -33.43 -10.42 -4.82
N VAL G 3 -34.29 -9.41 -4.91
CA VAL G 3 -34.66 -8.80 -6.18
C VAL G 3 -34.20 -7.35 -6.16
N MET G 4 -33.73 -6.86 -7.30
CA MET G 4 -33.26 -5.50 -7.44
C MET G 4 -34.32 -4.66 -8.14
N THR G 5 -34.43 -3.39 -7.74
CA THR G 5 -35.34 -2.45 -8.38
C THR G 5 -34.54 -1.24 -8.83
N GLN G 6 -34.39 -1.08 -10.15
CA GLN G 6 -33.68 0.06 -10.70
C GLN G 6 -34.68 1.18 -10.92
N THR G 7 -34.36 2.36 -10.40
CA THR G 7 -35.35 3.44 -10.39
C THR G 7 -35.59 4.06 -11.77
N PRO G 8 -34.56 4.50 -12.52
CA PRO G 8 -34.84 5.01 -13.87
C PRO G 8 -35.05 3.89 -14.87
N LEU G 9 -36.23 3.80 -15.48
CA LEU G 9 -36.44 2.80 -16.51
C LEU G 9 -35.78 3.20 -17.82
N SER G 10 -35.77 4.50 -18.12
CA SER G 10 -35.06 5.06 -19.26
C SER G 10 -34.62 6.46 -18.89
N LEU G 11 -33.36 6.78 -19.17
CA LEU G 11 -32.74 8.02 -18.72
C LEU G 11 -32.24 8.81 -19.92
N PRO G 12 -33.11 9.59 -20.55
CA PRO G 12 -32.65 10.48 -21.62
C PRO G 12 -31.79 11.60 -21.04
N VAL G 13 -30.54 11.67 -21.50
CA VAL G 13 -29.56 12.58 -20.95
C VAL G 13 -28.88 13.32 -22.09
N THR G 14 -28.44 14.54 -21.80
CA THR G 14 -27.67 15.32 -22.76
C THR G 14 -26.19 15.27 -22.40
N PRO G 15 -25.30 15.26 -23.40
CA PRO G 15 -23.86 15.23 -23.11
C PRO G 15 -23.43 16.43 -22.28
N GLY G 16 -22.40 16.22 -21.47
CA GLY G 16 -21.89 17.27 -20.60
C GLY G 16 -22.70 17.52 -19.35
N GLU G 17 -23.59 16.61 -18.98
CA GLU G 17 -24.46 16.79 -17.83
C GLU G 17 -24.39 15.56 -16.93
N PRO G 18 -24.64 15.72 -15.63
CA PRO G 18 -24.59 14.56 -14.72
C PRO G 18 -25.78 13.64 -14.93
N ALA G 19 -25.55 12.35 -14.69
CA ALA G 19 -26.58 11.32 -14.80
C ALA G 19 -26.49 10.41 -13.58
N SER G 20 -27.63 10.12 -12.96
CA SER G 20 -27.69 9.35 -11.74
C SER G 20 -28.68 8.21 -11.87
N ILE G 21 -28.21 6.99 -11.63
CA ILE G 21 -29.02 5.77 -11.71
C ILE G 21 -29.05 5.13 -10.34
N SER G 22 -30.19 4.55 -9.98
CA SER G 22 -30.40 4.03 -8.63
C SER G 22 -30.77 2.56 -8.68
N CYS G 23 -30.37 1.83 -7.66
CA CYS G 23 -30.64 0.40 -7.53
C CYS G 23 -30.95 0.11 -6.06
N ARG G 24 -32.19 -0.29 -5.79
CA ARG G 24 -32.65 -0.58 -4.44
C ARG G 24 -32.75 -2.09 -4.27
N SER G 25 -32.08 -2.61 -3.25
CA SER G 25 -32.08 -4.03 -2.97
C SER G 25 -33.36 -4.43 -2.25
N SER G 26 -33.74 -5.70 -2.40
CA SER G 26 -34.90 -6.21 -1.68
C SER G 26 -34.64 -6.21 -0.17
N GLN G 27 -33.47 -6.67 0.24
CA GLN G 27 -33.07 -6.67 1.64
C GLN G 27 -31.66 -6.10 1.75
N SER G 28 -31.26 -5.79 2.98
CA SER G 28 -29.96 -5.17 3.21
C SER G 28 -28.84 -6.14 2.83
N LEU G 29 -27.96 -5.70 1.92
CA LEU G 29 -26.83 -6.49 1.50
C LEU G 29 -25.58 -6.22 2.34
N PHE G 30 -25.69 -5.46 3.42
CA PHE G 30 -24.57 -5.15 4.30
C PHE G 30 -24.76 -5.91 5.60
N ASP G 31 -24.10 -7.05 5.73
CA ASP G 31 -24.18 -7.88 6.93
C ASP G 31 -23.13 -7.48 7.97
N GLY G 32 -21.85 -7.61 7.64
CA GLY G 32 -20.81 -7.09 8.51
C GLY G 32 -20.61 -5.60 8.26
N GLY G 33 -20.31 -4.87 9.33
CA GLY G 33 -20.08 -3.45 9.19
C GLY G 33 -18.91 -3.20 8.26
N HIS G 34 -19.21 -2.73 7.06
CA HIS G 34 -18.24 -2.68 5.99
C HIS G 34 -18.57 -1.50 5.08
N PRO G 35 -17.59 -0.96 4.36
CA PRO G 35 -17.94 -0.01 3.29
C PRO G 35 -18.48 -0.71 2.07
N TYR G 36 -17.94 -1.88 1.72
CA TYR G 36 -18.26 -2.56 0.49
C TYR G 36 -19.03 -3.85 0.76
N THR G 37 -20.05 -4.07 -0.07
CA THR G 37 -20.68 -5.37 -0.25
C THR G 37 -20.44 -5.78 -1.70
N SER G 38 -21.05 -6.90 -2.11
CA SER G 38 -20.87 -7.38 -3.48
C SER G 38 -22.05 -6.90 -4.33
N LEU G 39 -21.81 -5.85 -5.11
CA LEU G 39 -22.80 -5.30 -6.01
C LEU G 39 -22.10 -4.58 -7.16
N ASP G 40 -22.27 -5.09 -8.37
CA ASP G 40 -21.56 -4.65 -9.55
C ASP G 40 -22.47 -3.79 -10.41
N TRP G 41 -21.88 -2.82 -11.11
CA TRP G 41 -22.57 -1.98 -12.07
C TRP G 41 -22.02 -2.29 -13.46
N TYR G 42 -22.90 -2.68 -14.38
CA TYR G 42 -22.50 -3.14 -15.70
C TYR G 42 -23.07 -2.24 -16.78
N LEU G 43 -22.29 -2.12 -17.86
CA LEU G 43 -22.68 -1.46 -19.10
C LEU G 43 -22.73 -2.48 -20.22
N GLN G 44 -23.90 -2.66 -20.82
CA GLN G 44 -24.08 -3.52 -21.98
C GLN G 44 -24.45 -2.66 -23.18
N LYS G 45 -23.58 -2.65 -24.18
CA LYS G 45 -23.96 -2.07 -25.45
C LYS G 45 -24.74 -3.11 -26.26
N PRO G 46 -25.67 -2.66 -27.11
CA PRO G 46 -26.51 -3.61 -27.84
C PRO G 46 -25.68 -4.55 -28.72
N GLY G 47 -25.81 -5.84 -28.46
CA GLY G 47 -25.14 -6.85 -29.24
C GLY G 47 -23.83 -7.34 -28.68
N GLN G 48 -23.55 -7.14 -27.39
CA GLN G 48 -22.28 -7.52 -26.82
C GLN G 48 -22.48 -8.03 -25.40
N SER G 49 -21.38 -8.47 -24.80
CA SER G 49 -21.41 -8.95 -23.42
C SER G 49 -21.13 -7.78 -22.47
N PRO G 50 -21.69 -7.83 -21.26
CA PRO G 50 -21.58 -6.68 -20.36
C PRO G 50 -20.14 -6.28 -20.07
N GLN G 51 -19.98 -5.01 -19.68
CA GLN G 51 -18.68 -4.46 -19.35
C GLN G 51 -18.72 -3.93 -17.92
N LEU G 52 -17.82 -4.44 -17.08
CA LEU G 52 -17.80 -4.06 -15.68
C LEU G 52 -17.25 -2.64 -15.52
N LEU G 53 -17.94 -1.84 -14.72
CA LEU G 53 -17.50 -0.48 -14.41
C LEU G 53 -17.14 -0.32 -12.95
N ILE G 54 -18.07 -0.62 -12.04
CA ILE G 54 -17.86 -0.53 -10.60
C ILE G 54 -18.11 -1.90 -10.01
N TYR G 55 -17.05 -2.59 -9.58
CA TYR G 55 -17.25 -3.96 -9.12
C TYR G 55 -17.73 -4.02 -7.68
N MET G 56 -16.95 -3.58 -6.72
CA MET G 56 -17.51 -3.45 -5.38
C MET G 56 -18.38 -2.22 -5.38
N VAL G 57 -18.95 -1.86 -4.22
CA VAL G 57 -19.96 -0.81 -4.21
C VAL G 57 -19.39 0.52 -4.72
N SER G 58 -18.09 0.72 -4.58
CA SER G 58 -17.46 1.96 -5.01
C SER G 58 -16.19 1.79 -5.80
N ASN G 59 -15.62 0.59 -5.87
CA ASN G 59 -14.34 0.39 -6.52
C ASN G 59 -14.50 0.33 -8.03
N ARG G 60 -13.63 1.05 -8.73
CA ARG G 60 -13.68 1.14 -10.19
C ARG G 60 -12.83 0.05 -10.81
N ALA G 61 -13.36 -0.60 -11.83
CA ALA G 61 -12.62 -1.65 -12.52
C ALA G 61 -11.43 -1.04 -13.28
N SER G 62 -10.64 -1.93 -13.87
CA SER G 62 -9.44 -1.49 -14.57
C SER G 62 -9.79 -1.11 -16.01
N GLY G 63 -9.29 0.04 -16.45
CA GLY G 63 -9.55 0.51 -17.79
C GLY G 63 -10.86 1.24 -17.97
N VAL G 64 -11.50 1.64 -16.89
CA VAL G 64 -12.79 2.35 -16.94
C VAL G 64 -12.52 3.83 -16.73
N PRO G 65 -13.02 4.71 -17.60
CA PRO G 65 -12.78 6.15 -17.43
C PRO G 65 -13.29 6.66 -16.10
N ASP G 66 -12.68 7.75 -15.63
CA ASP G 66 -12.90 8.23 -14.28
C ASP G 66 -14.21 8.97 -14.10
N ARG G 67 -15.04 9.08 -15.14
CA ARG G 67 -16.30 9.80 -14.99
C ARG G 67 -17.32 8.96 -14.22
N PHE G 68 -17.17 7.64 -14.24
CA PHE G 68 -18.10 6.77 -13.53
C PHE G 68 -17.76 6.71 -12.05
N SER G 69 -18.78 6.80 -11.20
CA SER G 69 -18.59 6.63 -9.77
C SER G 69 -19.77 5.86 -9.20
N GLY G 70 -19.53 5.20 -8.09
CA GLY G 70 -20.59 4.45 -7.42
C GLY G 70 -20.52 4.64 -5.93
N SER G 71 -21.67 4.53 -5.28
CA SER G 71 -21.73 4.64 -3.83
C SER G 71 -23.03 4.01 -3.36
N ALA G 72 -23.18 3.94 -2.04
CA ALA G 72 -24.38 3.37 -1.44
C ALA G 72 -24.71 4.09 -0.14
N SER G 73 -26.00 4.23 0.11
CA SER G 73 -26.50 4.73 1.38
C SER G 73 -27.58 3.76 1.87
N GLY G 74 -27.16 2.73 2.58
CA GLY G 74 -28.11 1.73 3.05
C GLY G 74 -28.54 0.82 1.93
N THR G 75 -29.86 0.65 1.78
CA THR G 75 -30.40 -0.27 0.78
C THR G 75 -30.41 0.36 -0.61
N ASP G 76 -29.87 1.57 -0.75
CA ASP G 76 -29.83 2.23 -2.04
C ASP G 76 -28.40 2.30 -2.56
N PHE G 77 -28.23 2.04 -3.86
CA PHE G 77 -26.93 2.09 -4.52
C PHE G 77 -27.03 2.99 -5.73
N THR G 78 -26.22 4.03 -5.77
CA THR G 78 -26.29 5.01 -6.85
C THR G 78 -25.03 4.97 -7.69
N LEU G 79 -25.23 5.03 -9.00
CA LEU G 79 -24.17 5.22 -9.98
C LEU G 79 -24.31 6.61 -10.56
N LYS G 80 -23.18 7.27 -10.80
CA LYS G 80 -23.16 8.64 -11.29
C LYS G 80 -22.15 8.77 -12.41
N ILE G 81 -22.61 9.23 -13.56
CA ILE G 81 -21.73 9.68 -14.65
C ILE G 81 -21.75 11.21 -14.60
N SER G 82 -20.68 11.79 -14.07
CA SER G 82 -20.70 13.22 -13.78
C SER G 82 -20.56 14.04 -15.07
N ARG G 83 -20.10 13.43 -16.15
CA ARG G 83 -20.00 14.10 -17.44
C ARG G 83 -20.23 13.07 -18.54
N VAL G 84 -21.47 12.98 -19.02
CA VAL G 84 -21.80 12.04 -20.08
C VAL G 84 -21.03 12.39 -21.35
N GLU G 85 -20.64 11.38 -22.11
CA GLU G 85 -19.98 11.56 -23.39
C GLU G 85 -20.74 10.78 -24.45
N ALA G 86 -20.15 10.69 -25.65
CA ALA G 86 -20.85 10.07 -26.76
C ALA G 86 -20.90 8.56 -26.62
N GLU G 87 -19.99 7.97 -25.84
CA GLU G 87 -19.90 6.53 -25.73
C GLU G 87 -20.76 5.95 -24.61
N ASP G 88 -21.30 6.78 -23.72
CA ASP G 88 -22.03 6.28 -22.56
C ASP G 88 -23.42 5.77 -22.90
N VAL G 89 -23.76 5.62 -24.18
CA VAL G 89 -25.08 5.13 -24.55
C VAL G 89 -25.10 3.62 -24.51
N GLY G 90 -26.21 3.06 -24.03
CA GLY G 90 -26.33 1.63 -23.88
C GLY G 90 -27.34 1.31 -22.80
N VAL G 91 -27.11 0.18 -22.11
CA VAL G 91 -27.93 -0.21 -20.97
C VAL G 91 -27.02 -0.35 -19.76
N TYR G 92 -27.51 0.10 -18.62
CA TYR G 92 -26.79 -0.02 -17.36
C TYR G 92 -27.62 -0.86 -16.40
N PHE G 93 -26.98 -1.82 -15.74
CA PHE G 93 -27.73 -2.64 -14.79
C PHE G 93 -26.86 -3.01 -13.59
N CYS G 94 -27.50 -3.71 -12.65
CA CYS G 94 -27.09 -3.80 -11.26
C CYS G 94 -27.16 -5.25 -10.80
N MET G 95 -25.99 -5.87 -10.58
CA MET G 95 -25.91 -7.29 -10.27
C MET G 95 -25.40 -7.50 -8.86
N GLN G 96 -26.16 -8.21 -8.04
CA GLN G 96 -25.73 -8.52 -6.67
C GLN G 96 -25.19 -9.94 -6.62
N SER G 97 -23.98 -10.09 -6.08
CA SER G 97 -23.33 -11.38 -5.97
C SER G 97 -23.37 -11.94 -4.56
N VAL G 98 -24.03 -11.27 -3.62
CA VAL G 98 -24.03 -11.72 -2.23
C VAL G 98 -24.73 -13.07 -2.11
N GLU G 99 -25.97 -13.15 -2.55
CA GLU G 99 -26.78 -14.33 -2.30
C GLU G 99 -26.54 -15.41 -3.35
N TYR G 100 -27.44 -16.39 -3.35
CA TYR G 100 -27.25 -17.61 -4.13
C TYR G 100 -27.39 -17.40 -5.64
N PRO G 101 -28.48 -16.84 -6.17
CA PRO G 101 -28.69 -16.89 -7.62
C PRO G 101 -28.17 -15.69 -8.42
N TYR G 102 -27.44 -14.76 -7.81
CA TYR G 102 -26.89 -13.58 -8.50
C TYR G 102 -27.97 -12.85 -9.30
N SER G 103 -28.95 -12.29 -8.59
CA SER G 103 -30.02 -11.59 -9.27
C SER G 103 -29.53 -10.27 -9.87
N PHE G 104 -30.30 -9.74 -10.81
CA PHE G 104 -29.97 -8.52 -11.52
C PHE G 104 -31.09 -7.51 -11.38
N GLY G 105 -30.80 -6.28 -11.76
CA GLY G 105 -31.83 -5.26 -11.83
C GLY G 105 -32.45 -5.19 -13.22
N GLN G 106 -33.59 -4.51 -13.29
CA GLN G 106 -34.34 -4.44 -14.55
C GLN G 106 -33.49 -3.86 -15.67
N GLY G 107 -32.76 -2.79 -15.41
CA GLY G 107 -31.93 -2.19 -16.43
C GLY G 107 -32.43 -0.81 -16.79
N THR G 108 -31.49 0.03 -17.23
CA THR G 108 -31.80 1.41 -17.61
C THR G 108 -31.12 1.73 -18.93
N THR G 109 -31.92 2.07 -19.93
CA THR G 109 -31.42 2.40 -21.27
C THR G 109 -31.12 3.89 -21.31
N VAL G 110 -29.83 4.24 -21.43
CA VAL G 110 -29.46 5.64 -21.52
C VAL G 110 -29.72 6.16 -22.92
N ASP G 111 -30.55 7.20 -23.01
CA ASP G 111 -31.01 7.72 -24.29
C ASP G 111 -30.32 9.03 -24.61
N PHE G 112 -29.95 9.19 -25.87
CA PHE G 112 -29.53 10.50 -26.38
C PHE G 112 -30.72 11.46 -26.37
N LYS G 113 -30.47 12.70 -26.00
CA LYS G 113 -31.54 13.69 -25.94
C LYS G 113 -31.38 14.74 -27.04
#